data_1D77
# 
_entry.id   1D77 
# 
_audit_conform.dict_name       mmcif_pdbx.dic 
_audit_conform.dict_version    5.385 
_audit_conform.dict_location   http://mmcif.pdb.org/dictionaries/ascii/mmcif_pdbx.dic 
# 
loop_
_database_2.database_id 
_database_2.database_code 
_database_2.pdbx_database_accession 
_database_2.pdbx_DOI 
PDB   1D77         pdb_00001d77 10.2210/pdb1d77/pdb 
RCSB  BDLB40       ?            ?                   
WWPDB D_1000172675 ?            ?                   
# 
loop_
_pdbx_audit_revision_history.ordinal 
_pdbx_audit_revision_history.data_content_type 
_pdbx_audit_revision_history.major_revision 
_pdbx_audit_revision_history.minor_revision 
_pdbx_audit_revision_history.revision_date 
1 'Structure model' 1 0 1993-07-15 
2 'Structure model' 1 1 2008-05-22 
3 'Structure model' 1 2 2011-07-13 
4 'Structure model' 1 3 2012-06-27 
5 'Structure model' 1 4 2024-02-07 
# 
_pdbx_audit_revision_details.ordinal             1 
_pdbx_audit_revision_details.revision_ordinal    1 
_pdbx_audit_revision_details.data_content_type   'Structure model' 
_pdbx_audit_revision_details.provider            repository 
_pdbx_audit_revision_details.type                'Initial release' 
_pdbx_audit_revision_details.description         ? 
_pdbx_audit_revision_details.details             ? 
# 
loop_
_pdbx_audit_revision_group.ordinal 
_pdbx_audit_revision_group.revision_ordinal 
_pdbx_audit_revision_group.data_content_type 
_pdbx_audit_revision_group.group 
1 2 'Structure model' 'Version format compliance' 
2 3 'Structure model' 'Version format compliance' 
3 4 'Structure model' Other                       
4 5 'Structure model' 'Data collection'           
5 5 'Structure model' 'Database references'       
# 
loop_
_pdbx_audit_revision_category.ordinal 
_pdbx_audit_revision_category.revision_ordinal 
_pdbx_audit_revision_category.data_content_type 
_pdbx_audit_revision_category.category 
1 5 'Structure model' chem_comp_atom 
2 5 'Structure model' chem_comp_bond 
3 5 'Structure model' database_2     
# 
loop_
_pdbx_audit_revision_item.ordinal 
_pdbx_audit_revision_item.revision_ordinal 
_pdbx_audit_revision_item.data_content_type 
_pdbx_audit_revision_item.item 
1 5 'Structure model' '_database_2.pdbx_DOI'                
2 5 'Structure model' '_database_2.pdbx_database_accession' 
# 
_pdbx_database_status.status_code                     REL 
_pdbx_database_status.entry_id                        1D77 
_pdbx_database_status.recvd_initial_deposition_date   1992-05-30 
_pdbx_database_status.deposit_site                    BNL 
_pdbx_database_status.process_site                    NDB 
_pdbx_database_status.SG_entry                        . 
_pdbx_database_status.status_code_sf                  ? 
_pdbx_database_status.status_code_mr                  ? 
_pdbx_database_status.status_code_cs                  ? 
_pdbx_database_status.methods_development_category    ? 
_pdbx_database_status.pdb_format_compatible           Y 
_pdbx_database_status.status_code_nmr_data            ? 
# 
loop_
_audit_author.name 
_audit_author.pdbx_ordinal 
'Xuan, J.C.'  1 
'Weber, I.T.' 2 
# 
_citation.id                        primary 
_citation.title                     
;Crystal structure of a B-DNA dodecamer containing inosine, d(CGCIAATTCGCG), at 2.4 A resolution and its comparison with other B-DNA dodecamers.
;
_citation.journal_abbrev            'Nucleic Acids Res.' 
_citation.journal_volume            20 
_citation.page_first                5457 
_citation.page_last                 5464 
_citation.year                      1992 
_citation.journal_id_ASTM           NARHAD 
_citation.country                   UK 
_citation.journal_id_ISSN           0305-1048 
_citation.journal_id_CSD            0389 
_citation.book_publisher            ? 
_citation.pdbx_database_id_PubMed   1437563 
_citation.pdbx_database_id_DOI      10.1093/nar/20.20.5457 
# 
loop_
_citation_author.citation_id 
_citation_author.name 
_citation_author.ordinal 
_citation_author.identifier_ORCID 
primary 'Xuan, J.C.'  1 ? 
primary 'Weber, I.T.' 2 ? 
# 
loop_
_entity.id 
_entity.type 
_entity.src_method 
_entity.pdbx_description 
_entity.formula_weight 
_entity.pdbx_number_of_molecules 
_entity.pdbx_ec 
_entity.pdbx_mutation 
_entity.pdbx_fragment 
_entity.details 
1 polymer syn 
;DNA (5'-D(*CP*GP*CP*IP*AP*AP*TP*TP*CP*GP*CP*G)-3')
;
3648.378 2  ? ? ? ? 
2 water   nat water                                                18.015   44 ? ? ? ? 
# 
_entity_poly.entity_id                      1 
_entity_poly.type                           polydeoxyribonucleotide 
_entity_poly.nstd_linkage                   no 
_entity_poly.nstd_monomer                   no 
_entity_poly.pdbx_seq_one_letter_code       '(DC)(DG)(DC)(DI)(DA)(DA)(DT)(DT)(DC)(DG)(DC)(DG)' 
_entity_poly.pdbx_seq_one_letter_code_can   CGCIAATTCGCG 
_entity_poly.pdbx_strand_id                 A,B 
_entity_poly.pdbx_target_identifier         ? 
# 
_pdbx_entity_nonpoly.entity_id   2 
_pdbx_entity_nonpoly.name        water 
_pdbx_entity_nonpoly.comp_id     HOH 
# 
loop_
_entity_poly_seq.entity_id 
_entity_poly_seq.num 
_entity_poly_seq.mon_id 
_entity_poly_seq.hetero 
1 1  DC n 
1 2  DG n 
1 3  DC n 
1 4  DI n 
1 5  DA n 
1 6  DA n 
1 7  DT n 
1 8  DT n 
1 9  DC n 
1 10 DG n 
1 11 DC n 
1 12 DG n 
# 
loop_
_chem_comp.id 
_chem_comp.type 
_chem_comp.mon_nstd_flag 
_chem_comp.name 
_chem_comp.pdbx_synonyms 
_chem_comp.formula 
_chem_comp.formula_weight 
DA  'DNA linking' y "2'-DEOXYADENOSINE-5'-MONOPHOSPHATE" ? 'C10 H14 N5 O6 P' 331.222 
DC  'DNA linking' y "2'-DEOXYCYTIDINE-5'-MONOPHOSPHATE"  ? 'C9 H14 N3 O7 P'  307.197 
DG  'DNA linking' y "2'-DEOXYGUANOSINE-5'-MONOPHOSPHATE" ? 'C10 H14 N5 O7 P' 347.221 
DI  'DNA linking' y "2'-DEOXYINOSINE-5'-MONOPHOSPHATE"   ? 'C10 H13 N4 O7 P' 332.207 
DT  'DNA linking' y "THYMIDINE-5'-MONOPHOSPHATE"         ? 'C10 H15 N2 O8 P' 322.208 
HOH non-polymer   . WATER                                ? 'H2 O'            18.015  
# 
loop_
_pdbx_poly_seq_scheme.asym_id 
_pdbx_poly_seq_scheme.entity_id 
_pdbx_poly_seq_scheme.seq_id 
_pdbx_poly_seq_scheme.mon_id 
_pdbx_poly_seq_scheme.ndb_seq_num 
_pdbx_poly_seq_scheme.pdb_seq_num 
_pdbx_poly_seq_scheme.auth_seq_num 
_pdbx_poly_seq_scheme.pdb_mon_id 
_pdbx_poly_seq_scheme.auth_mon_id 
_pdbx_poly_seq_scheme.pdb_strand_id 
_pdbx_poly_seq_scheme.pdb_ins_code 
_pdbx_poly_seq_scheme.hetero 
A 1 1  DC 1  1  1  DC C A . n 
A 1 2  DG 2  2  2  DG G A . n 
A 1 3  DC 3  3  3  DC C A . n 
A 1 4  DI 4  4  4  DI I A . n 
A 1 5  DA 5  5  5  DA A A . n 
A 1 6  DA 6  6  6  DA A A . n 
A 1 7  DT 7  7  7  DT T A . n 
A 1 8  DT 8  8  8  DT T A . n 
A 1 9  DC 9  9  9  DC C A . n 
A 1 10 DG 10 10 10 DG G A . n 
A 1 11 DC 11 11 11 DC C A . n 
A 1 12 DG 12 12 12 DG G A . n 
B 1 1  DC 1  13 13 DC C B . n 
B 1 2  DG 2  14 14 DG G B . n 
B 1 3  DC 3  15 15 DC C B . n 
B 1 4  DI 4  16 16 DI I B . n 
B 1 5  DA 5  17 17 DA A B . n 
B 1 6  DA 6  18 18 DA A B . n 
B 1 7  DT 7  19 19 DT T B . n 
B 1 8  DT 8  20 20 DT T B . n 
B 1 9  DC 9  21 21 DC C B . n 
B 1 10 DG 10 22 22 DG G B . n 
B 1 11 DC 11 23 23 DC C B . n 
B 1 12 DG 12 24 24 DG G B . n 
# 
loop_
_pdbx_nonpoly_scheme.asym_id 
_pdbx_nonpoly_scheme.entity_id 
_pdbx_nonpoly_scheme.mon_id 
_pdbx_nonpoly_scheme.ndb_seq_num 
_pdbx_nonpoly_scheme.pdb_seq_num 
_pdbx_nonpoly_scheme.auth_seq_num 
_pdbx_nonpoly_scheme.pdb_mon_id 
_pdbx_nonpoly_scheme.auth_mon_id 
_pdbx_nonpoly_scheme.pdb_strand_id 
_pdbx_nonpoly_scheme.pdb_ins_code 
C 2 HOH 1  25 25 HOH HOH A . 
C 2 HOH 2  28 28 HOH HOH A . 
C 2 HOH 3  30 30 HOH HOH A . 
C 2 HOH 4  33 33 HOH HOH A . 
C 2 HOH 5  37 37 HOH HOH A . 
C 2 HOH 6  41 41 HOH HOH A . 
C 2 HOH 7  43 43 HOH HOH A . 
C 2 HOH 8  44 44 HOH HOH A . 
C 2 HOH 9  45 45 HOH HOH A . 
C 2 HOH 10 46 46 HOH HOH A . 
C 2 HOH 11 48 48 HOH HOH A . 
C 2 HOH 12 49 49 HOH HOH A . 
C 2 HOH 13 53 53 HOH HOH A . 
C 2 HOH 14 54 54 HOH HOH A . 
C 2 HOH 15 56 56 HOH HOH A . 
C 2 HOH 16 57 57 HOH HOH A . 
C 2 HOH 17 58 58 HOH HOH A . 
C 2 HOH 18 61 61 HOH HOH A . 
C 2 HOH 19 62 62 HOH HOH A . 
C 2 HOH 20 64 64 HOH HOH A . 
C 2 HOH 21 65 65 HOH HOH A . 
C 2 HOH 22 66 66 HOH HOH A . 
C 2 HOH 23 67 67 HOH HOH A . 
D 2 HOH 1  26 26 HOH HOH B . 
D 2 HOH 2  27 27 HOH HOH B . 
D 2 HOH 3  29 29 HOH HOH B . 
D 2 HOH 4  31 31 HOH HOH B . 
D 2 HOH 5  32 32 HOH HOH B . 
D 2 HOH 6  34 34 HOH HOH B . 
D 2 HOH 7  35 35 HOH HOH B . 
D 2 HOH 8  36 36 HOH HOH B . 
D 2 HOH 9  38 38 HOH HOH B . 
D 2 HOH 10 39 39 HOH HOH B . 
D 2 HOH 11 40 40 HOH HOH B . 
D 2 HOH 12 42 42 HOH HOH B . 
D 2 HOH 13 47 47 HOH HOH B . 
D 2 HOH 14 50 50 HOH HOH B . 
D 2 HOH 15 51 51 HOH HOH B . 
D 2 HOH 16 52 52 HOH HOH B . 
D 2 HOH 17 55 55 HOH HOH B . 
D 2 HOH 18 59 59 HOH HOH B . 
D 2 HOH 19 60 60 HOH HOH B . 
D 2 HOH 20 63 63 HOH HOH B . 
D 2 HOH 21 68 68 HOH HOH B . 
# 
_software.name             NUCLSQ 
_software.classification   refinement 
_software.version          . 
_software.citation_id      ? 
_software.pdbx_ordinal     1 
# 
_cell.entry_id           1D77 
_cell.length_a           24.900 
_cell.length_b           40.400 
_cell.length_c           66.400 
_cell.angle_alpha        90.00 
_cell.angle_beta         90.00 
_cell.angle_gamma        90.00 
_cell.Z_PDB              8 
_cell.pdbx_unique_axis   ? 
_cell.length_a_esd       ? 
_cell.length_b_esd       ? 
_cell.length_c_esd       ? 
_cell.angle_alpha_esd    ? 
_cell.angle_beta_esd     ? 
_cell.angle_gamma_esd    ? 
# 
_symmetry.entry_id                         1D77 
_symmetry.space_group_name_H-M             'P 21 21 21' 
_symmetry.pdbx_full_space_group_name_H-M   ? 
_symmetry.cell_setting                     ? 
_symmetry.Int_Tables_number                19 
_symmetry.space_group_name_Hall            ? 
# 
_exptl.entry_id          1D77 
_exptl.method            'X-RAY DIFFRACTION' 
_exptl.crystals_number   ? 
# 
_exptl_crystal.id                    1 
_exptl_crystal.density_meas          ? 
_exptl_crystal.density_percent_sol   46.25 
_exptl_crystal.density_Matthews      2.29 
_exptl_crystal.description           ? 
_exptl_crystal.F_000                 ? 
_exptl_crystal.preparation           ? 
# 
_exptl_crystal_grow.crystal_id      1 
_exptl_crystal_grow.method          'VAPOR DIFFUSION' 
_exptl_crystal_grow.temp            277.00 
_exptl_crystal_grow.temp_details    ? 
_exptl_crystal_grow.pH              ? 
_exptl_crystal_grow.pdbx_details    'VAPOR DIFFUSION, temperature 277.00K' 
_exptl_crystal_grow.pdbx_pH_range   ? 
# 
loop_
_exptl_crystal_grow_comp.crystal_id 
_exptl_crystal_grow_comp.id 
_exptl_crystal_grow_comp.sol_id 
_exptl_crystal_grow_comp.name 
_exptl_crystal_grow_comp.volume 
_exptl_crystal_grow_comp.conc 
_exptl_crystal_grow_comp.details 
1 1 1 WATER        ? ? ? 
1 2 1 MPD          ? ? ? 
1 3 1 'MG ACETATE' ? ? ? 
1 4 1 SPERMINE     ? ? ? 
1 5 2 WATER        ? ? ? 
1 6 2 MPD          ? ? ? 
# 
_diffrn.id                     1 
_diffrn.ambient_temp           ? 
_diffrn.ambient_temp_details   'ROOM TEMPERATURE' 
_diffrn.crystal_id             1 
# 
_diffrn_detector.diffrn_id              1 
_diffrn_detector.detector               'AREA DETECTOR' 
_diffrn_detector.type                   SIEMENS 
_diffrn_detector.pdbx_collection_date   ? 
_diffrn_detector.details                ? 
# 
_diffrn_radiation.diffrn_id                        1 
_diffrn_radiation.wavelength_id                    1 
_diffrn_radiation.pdbx_monochromatic_or_laue_m_l   ? 
_diffrn_radiation.monochromator                    ? 
_diffrn_radiation.pdbx_diffrn_protocol             ? 
_diffrn_radiation.pdbx_scattering_type             x-ray 
# 
_diffrn_radiation_wavelength.id           1 
_diffrn_radiation_wavelength.wavelength   . 
_diffrn_radiation_wavelength.wt           1.0 
# 
_diffrn_source.diffrn_id                   1 
_diffrn_source.source                      'ROTATING ANODE' 
_diffrn_source.type                        'RIGAKU RU200' 
_diffrn_source.pdbx_synchrotron_site       ? 
_diffrn_source.pdbx_synchrotron_beamline   ? 
_diffrn_source.pdbx_wavelength             ? 
_diffrn_source.pdbx_wavelength_list        ? 
# 
_reflns.entry_id                     1D77 
_reflns.observed_criterion_sigma_I   ? 
_reflns.observed_criterion_sigma_F   ? 
_reflns.d_resolution_low             ? 
_reflns.d_resolution_high            2.400 
_reflns.number_obs                   2492 
_reflns.number_all                   ? 
_reflns.percent_possible_obs         ? 
_reflns.pdbx_Rmerge_I_obs            ? 
_reflns.pdbx_Rsym_value              ? 
_reflns.pdbx_netI_over_sigmaI        ? 
_reflns.B_iso_Wilson_estimate        ? 
_reflns.pdbx_redundancy              ? 
_reflns.pdbx_ordinal                 1 
_reflns.pdbx_diffrn_id               1 
_reflns.R_free_details               ? 
_reflns.pdbx_chi_squared             ? 
_reflns.pdbx_scaling_rejects         ? 
# 
_refine.entry_id                                 1D77 
_refine.ls_number_reflns_obs                     2256 
_refine.ls_number_reflns_all                     ? 
_refine.pdbx_ls_sigma_I                          ? 
_refine.pdbx_ls_sigma_F                          2.000 
_refine.pdbx_data_cutoff_high_absF               ? 
_refine.pdbx_data_cutoff_low_absF                ? 
_refine.pdbx_data_cutoff_high_rms_absF           ? 
_refine.ls_d_res_low                             8.000 
_refine.ls_d_res_high                            2.400 
_refine.ls_percent_reflns_obs                    ? 
_refine.ls_R_factor_obs                          0.1740000 
_refine.ls_R_factor_all                          ? 
_refine.ls_R_factor_R_work                       ? 
_refine.ls_R_factor_R_free                       ? 
_refine.ls_R_factor_R_free_error                 ? 
_refine.ls_R_factor_R_free_error_details         ? 
_refine.ls_percent_reflns_R_free                 ? 
_refine.ls_number_reflns_R_free                  ? 
_refine.ls_number_parameters                     ? 
_refine.ls_number_restraints                     ? 
_refine.occupancy_min                            ? 
_refine.occupancy_max                            ? 
_refine.B_iso_mean                               ? 
_refine.aniso_B[1][1]                            ? 
_refine.aniso_B[2][2]                            ? 
_refine.aniso_B[3][3]                            ? 
_refine.aniso_B[1][2]                            ? 
_refine.aniso_B[1][3]                            ? 
_refine.aniso_B[2][3]                            ? 
_refine.solvent_model_details                    ? 
_refine.solvent_model_param_ksol                 ? 
_refine.solvent_model_param_bsol                 ? 
_refine.pdbx_ls_cross_valid_method               ? 
_refine.details                                  ? 
_refine.pdbx_starting_model                      ? 
_refine.pdbx_method_to_determine_struct          ? 
_refine.pdbx_isotropic_thermal_model             ? 
_refine.pdbx_stereochemistry_target_values       ? 
_refine.pdbx_stereochem_target_val_spec_case     ? 
_refine.pdbx_R_Free_selection_details            ? 
_refine.pdbx_overall_ESU_R                       ? 
_refine.pdbx_overall_ESU_R_Free                  ? 
_refine.overall_SU_ML                            ? 
_refine.overall_SU_B                             ? 
_refine.pdbx_refine_id                           'X-RAY DIFFRACTION' 
_refine.pdbx_diffrn_id                           1 
_refine.ls_redundancy_reflns_obs                 ? 
_refine.pdbx_overall_phase_error                 ? 
_refine.correlation_coeff_Fo_to_Fc               ? 
_refine.correlation_coeff_Fo_to_Fc_free          ? 
_refine.pdbx_solvent_vdw_probe_radii             ? 
_refine.pdbx_solvent_ion_probe_radii             ? 
_refine.pdbx_solvent_shrinkage_radii             ? 
_refine.overall_SU_R_Cruickshank_DPI             ? 
_refine.overall_SU_R_free                        ? 
_refine.ls_wR_factor_R_free                      ? 
_refine.ls_wR_factor_R_work                      ? 
_refine.overall_FOM_free_R_set                   ? 
_refine.overall_FOM_work_R_set                   ? 
_refine.pdbx_TLS_residual_ADP_flag               ? 
_refine.pdbx_overall_SU_R_free_Cruickshank_DPI   ? 
_refine.pdbx_overall_SU_R_Blow_DPI               ? 
_refine.pdbx_overall_SU_R_free_Blow_DPI          ? 
# 
_refine_hist.pdbx_refine_id                   'X-RAY DIFFRACTION' 
_refine_hist.cycle_id                         LAST 
_refine_hist.pdbx_number_atoms_protein        0 
_refine_hist.pdbx_number_atoms_nucleic_acid   484 
_refine_hist.pdbx_number_atoms_ligand         0 
_refine_hist.number_atoms_solvent             44 
_refine_hist.number_atoms_total               528 
_refine_hist.d_res_high                       2.400 
_refine_hist.d_res_low                        8.000 
# 
loop_
_refine_ls_restr.type 
_refine_ls_restr.dev_ideal 
_refine_ls_restr.dev_ideal_target 
_refine_ls_restr.weight 
_refine_ls_restr.number 
_refine_ls_restr.pdbx_refine_id 
_refine_ls_restr.pdbx_restraint_function 
n_bond_d               ?     ?     ? ? 'X-RAY DIFFRACTION' ? 
n_angle_d              ?     ?     ? ? 'X-RAY DIFFRACTION' ? 
n_planar_d             ?     ?     ? ? 'X-RAY DIFFRACTION' ? 
n_hb_or_metal_coord    ?     ?     ? ? 'X-RAY DIFFRACTION' ? 
n_sugar_bond_it        4.631 7.500 ? ? 'X-RAY DIFFRACTION' ? 
n_sugar_angle_it       5.392 7.500 ? ? 'X-RAY DIFFRACTION' ? 
n_phos_bond_it         5.814 7.500 ? ? 'X-RAY DIFFRACTION' ? 
n_phos_angle_it        9.411 7.500 ? ? 'X-RAY DIFFRACTION' ? 
n_bond_angle_restr     ?     ?     ? ? 'X-RAY DIFFRACTION' ? 
n_dihedral_angle_restr ?     ?     ? ? 'X-RAY DIFFRACTION' ? 
n_impr_tor             ?     ?     ? ? 'X-RAY DIFFRACTION' ? 
n_sugar_bond_d         0.012 0.025 ? ? 'X-RAY DIFFRACTION' ? 
n_sugar_bond_angle_d   0.043 0.050 ? ? 'X-RAY DIFFRACTION' ? 
n_phos_bond_d          0.046 0.050 ? ? 'X-RAY DIFFRACTION' ? 
n_phos_bond_angle_d    0.101 0.075 ? ? 'X-RAY DIFFRACTION' ? 
n_plane_restr          0.018 0.030 ? ? 'X-RAY DIFFRACTION' ? 
n_chiral_restr         0.077 0.100 ? ? 'X-RAY DIFFRACTION' ? 
n_singtor_nbd          0.161 0.063 ? ? 'X-RAY DIFFRACTION' ? 
n_multtor_nbd          ?     ?     ? ? 'X-RAY DIFFRACTION' ? 
n_xhyhbond_nbd         ?     ?     ? ? 'X-RAY DIFFRACTION' ? 
# 
_struct.entry_id                  1D77 
_struct.title                     
;CRYSTAL STRUCTURE OF A B-DNA DODECAMER CONTAINING INOSINE, D(CGCIAATTCGCG), AT 2.4 ANGSTROMS RESOLUTION AND ITS COMPARISON WITH OTHER B-DNA DODECAMERS
;
_struct.pdbx_model_details        ? 
_struct.pdbx_CASP_flag            ? 
_struct.pdbx_model_type_details   ? 
# 
_struct_keywords.entry_id        1D77 
_struct_keywords.pdbx_keywords   DNA 
_struct_keywords.text            'B-DNA, DOUBLE HELIX, MODIFIED, DNA' 
# 
loop_
_struct_asym.id 
_struct_asym.pdbx_blank_PDB_chainid_flag 
_struct_asym.pdbx_modified 
_struct_asym.entity_id 
_struct_asym.details 
A N N 1 ? 
B N N 1 ? 
C N N 2 ? 
D N N 2 ? 
# 
_struct_ref.id                         1 
_struct_ref.entity_id                  1 
_struct_ref.db_name                    PDB 
_struct_ref.db_code                    1D77 
_struct_ref.pdbx_db_accession          1D77 
_struct_ref.pdbx_align_begin           ? 
_struct_ref.pdbx_seq_one_letter_code   ? 
_struct_ref.pdbx_db_isoform            ? 
# 
loop_
_struct_ref_seq.align_id 
_struct_ref_seq.ref_id 
_struct_ref_seq.pdbx_PDB_id_code 
_struct_ref_seq.pdbx_strand_id 
_struct_ref_seq.seq_align_beg 
_struct_ref_seq.pdbx_seq_align_beg_ins_code 
_struct_ref_seq.seq_align_end 
_struct_ref_seq.pdbx_seq_align_end_ins_code 
_struct_ref_seq.pdbx_db_accession 
_struct_ref_seq.db_align_beg 
_struct_ref_seq.pdbx_db_align_beg_ins_code 
_struct_ref_seq.db_align_end 
_struct_ref_seq.pdbx_db_align_end_ins_code 
_struct_ref_seq.pdbx_auth_seq_align_beg 
_struct_ref_seq.pdbx_auth_seq_align_end 
1 1 1D77 A 1 ? 12 ? 1D77 1  ? 12 ? 1  12 
2 1 1D77 B 1 ? 12 ? 1D77 13 ? 24 ? 13 24 
# 
_pdbx_struct_assembly.id                   1 
_pdbx_struct_assembly.details              author_defined_assembly 
_pdbx_struct_assembly.method_details       ? 
_pdbx_struct_assembly.oligomeric_details   dimeric 
_pdbx_struct_assembly.oligomeric_count     2 
# 
_pdbx_struct_assembly_gen.assembly_id       1 
_pdbx_struct_assembly_gen.oper_expression   1 
_pdbx_struct_assembly_gen.asym_id_list      A,B,C,D 
# 
_pdbx_struct_oper_list.id                   1 
_pdbx_struct_oper_list.type                 'identity operation' 
_pdbx_struct_oper_list.name                 1_555 
_pdbx_struct_oper_list.symmetry_operation   x,y,z 
_pdbx_struct_oper_list.matrix[1][1]         1.0000000000 
_pdbx_struct_oper_list.matrix[1][2]         0.0000000000 
_pdbx_struct_oper_list.matrix[1][3]         0.0000000000 
_pdbx_struct_oper_list.vector[1]            0.0000000000 
_pdbx_struct_oper_list.matrix[2][1]         0.0000000000 
_pdbx_struct_oper_list.matrix[2][2]         1.0000000000 
_pdbx_struct_oper_list.matrix[2][3]         0.0000000000 
_pdbx_struct_oper_list.vector[2]            0.0000000000 
_pdbx_struct_oper_list.matrix[3][1]         0.0000000000 
_pdbx_struct_oper_list.matrix[3][2]         0.0000000000 
_pdbx_struct_oper_list.matrix[3][3]         1.0000000000 
_pdbx_struct_oper_list.vector[3]            0.0000000000 
# 
_struct_biol.id        1 
_struct_biol.details   ? 
# 
loop_
_struct_conn.id 
_struct_conn.conn_type_id 
_struct_conn.pdbx_leaving_atom_flag 
_struct_conn.pdbx_PDB_id 
_struct_conn.ptnr1_label_asym_id 
_struct_conn.ptnr1_label_comp_id 
_struct_conn.ptnr1_label_seq_id 
_struct_conn.ptnr1_label_atom_id 
_struct_conn.pdbx_ptnr1_label_alt_id 
_struct_conn.pdbx_ptnr1_PDB_ins_code 
_struct_conn.pdbx_ptnr1_standard_comp_id 
_struct_conn.ptnr1_symmetry 
_struct_conn.ptnr2_label_asym_id 
_struct_conn.ptnr2_label_comp_id 
_struct_conn.ptnr2_label_seq_id 
_struct_conn.ptnr2_label_atom_id 
_struct_conn.pdbx_ptnr2_label_alt_id 
_struct_conn.pdbx_ptnr2_PDB_ins_code 
_struct_conn.ptnr1_auth_asym_id 
_struct_conn.ptnr1_auth_comp_id 
_struct_conn.ptnr1_auth_seq_id 
_struct_conn.ptnr2_auth_asym_id 
_struct_conn.ptnr2_auth_comp_id 
_struct_conn.ptnr2_auth_seq_id 
_struct_conn.ptnr2_symmetry 
_struct_conn.pdbx_ptnr3_label_atom_id 
_struct_conn.pdbx_ptnr3_label_seq_id 
_struct_conn.pdbx_ptnr3_label_comp_id 
_struct_conn.pdbx_ptnr3_label_asym_id 
_struct_conn.pdbx_ptnr3_label_alt_id 
_struct_conn.pdbx_ptnr3_PDB_ins_code 
_struct_conn.details 
_struct_conn.pdbx_dist_value 
_struct_conn.pdbx_value_order 
_struct_conn.pdbx_role 
hydrog1  hydrog ? ? A DC 1  N3 ? ? ? 1_555 B DG 12 N1 ? ? A DC 1  B DG 24 1_555 ? ? ? ? ? ? WATSON-CRICK ? ? ? 
hydrog2  hydrog ? ? A DC 1  N4 ? ? ? 1_555 B DG 12 O6 ? ? A DC 1  B DG 24 1_555 ? ? ? ? ? ? WATSON-CRICK ? ? ? 
hydrog3  hydrog ? ? A DC 1  O2 ? ? ? 1_555 B DG 12 N2 ? ? A DC 1  B DG 24 1_555 ? ? ? ? ? ? WATSON-CRICK ? ? ? 
hydrog4  hydrog ? ? A DG 2  N1 ? ? ? 1_555 B DC 11 N3 ? ? A DG 2  B DC 23 1_555 ? ? ? ? ? ? WATSON-CRICK ? ? ? 
hydrog5  hydrog ? ? A DG 2  N2 ? ? ? 1_555 B DC 11 O2 ? ? A DG 2  B DC 23 1_555 ? ? ? ? ? ? WATSON-CRICK ? ? ? 
hydrog6  hydrog ? ? A DG 2  O6 ? ? ? 1_555 B DC 11 N4 ? ? A DG 2  B DC 23 1_555 ? ? ? ? ? ? WATSON-CRICK ? ? ? 
hydrog7  hydrog ? ? A DC 3  N3 ? ? ? 1_555 B DG 10 N1 ? ? A DC 3  B DG 22 1_555 ? ? ? ? ? ? WATSON-CRICK ? ? ? 
hydrog8  hydrog ? ? A DC 3  N4 ? ? ? 1_555 B DG 10 O6 ? ? A DC 3  B DG 22 1_555 ? ? ? ? ? ? WATSON-CRICK ? ? ? 
hydrog9  hydrog ? ? A DC 3  O2 ? ? ? 1_555 B DG 10 N2 ? ? A DC 3  B DG 22 1_555 ? ? ? ? ? ? WATSON-CRICK ? ? ? 
hydrog10 hydrog ? ? A DA 5  N1 ? ? ? 1_555 B DT 8  N3 ? ? A DA 5  B DT 20 1_555 ? ? ? ? ? ? WATSON-CRICK ? ? ? 
hydrog11 hydrog ? ? A DA 5  N6 ? ? ? 1_555 B DT 8  O4 ? ? A DA 5  B DT 20 1_555 ? ? ? ? ? ? WATSON-CRICK ? ? ? 
hydrog12 hydrog ? ? A DA 6  N1 ? ? ? 1_555 B DT 7  N3 ? ? A DA 6  B DT 19 1_555 ? ? ? ? ? ? WATSON-CRICK ? ? ? 
hydrog13 hydrog ? ? A DA 6  N6 ? ? ? 1_555 B DT 7  O4 ? ? A DA 6  B DT 19 1_555 ? ? ? ? ? ? WATSON-CRICK ? ? ? 
hydrog14 hydrog ? ? A DT 7  N3 ? ? ? 1_555 B DA 6  N1 ? ? A DT 7  B DA 18 1_555 ? ? ? ? ? ? WATSON-CRICK ? ? ? 
hydrog15 hydrog ? ? A DT 7  O4 ? ? ? 1_555 B DA 6  N6 ? ? A DT 7  B DA 18 1_555 ? ? ? ? ? ? WATSON-CRICK ? ? ? 
hydrog16 hydrog ? ? A DT 8  N3 ? ? ? 1_555 B DA 5  N1 ? ? A DT 8  B DA 17 1_555 ? ? ? ? ? ? WATSON-CRICK ? ? ? 
hydrog17 hydrog ? ? A DT 8  O4 ? ? ? 1_555 B DA 5  N6 ? ? A DT 8  B DA 17 1_555 ? ? ? ? ? ? WATSON-CRICK ? ? ? 
hydrog18 hydrog ? ? A DG 10 N1 ? ? ? 1_555 B DC 3  N3 ? ? A DG 10 B DC 15 1_555 ? ? ? ? ? ? WATSON-CRICK ? ? ? 
hydrog19 hydrog ? ? A DG 10 N2 ? ? ? 1_555 B DC 3  O2 ? ? A DG 10 B DC 15 1_555 ? ? ? ? ? ? WATSON-CRICK ? ? ? 
hydrog20 hydrog ? ? A DG 10 O6 ? ? ? 1_555 B DC 3  N4 ? ? A DG 10 B DC 15 1_555 ? ? ? ? ? ? WATSON-CRICK ? ? ? 
hydrog21 hydrog ? ? A DC 11 N3 ? ? ? 1_555 B DG 2  N1 ? ? A DC 11 B DG 14 1_555 ? ? ? ? ? ? WATSON-CRICK ? ? ? 
hydrog22 hydrog ? ? A DC 11 N4 ? ? ? 1_555 B DG 2  O6 ? ? A DC 11 B DG 14 1_555 ? ? ? ? ? ? WATSON-CRICK ? ? ? 
hydrog23 hydrog ? ? A DC 11 O2 ? ? ? 1_555 B DG 2  N2 ? ? A DC 11 B DG 14 1_555 ? ? ? ? ? ? WATSON-CRICK ? ? ? 
hydrog24 hydrog ? ? A DG 12 N1 ? ? ? 1_555 B DC 1  N3 ? ? A DG 12 B DC 13 1_555 ? ? ? ? ? ? WATSON-CRICK ? ? ? 
hydrog25 hydrog ? ? A DG 12 N2 ? ? ? 1_555 B DC 1  O2 ? ? A DG 12 B DC 13 1_555 ? ? ? ? ? ? WATSON-CRICK ? ? ? 
hydrog26 hydrog ? ? A DG 12 O6 ? ? ? 1_555 B DC 1  N4 ? ? A DG 12 B DC 13 1_555 ? ? ? ? ? ? WATSON-CRICK ? ? ? 
# 
_struct_conn_type.id          hydrog 
_struct_conn_type.criteria    ? 
_struct_conn_type.reference   ? 
# 
_pdbx_validate_close_contact.id               1 
_pdbx_validate_close_contact.PDB_model_num    1 
_pdbx_validate_close_contact.auth_atom_id_1   OP1 
_pdbx_validate_close_contact.auth_asym_id_1   B 
_pdbx_validate_close_contact.auth_comp_id_1   DT 
_pdbx_validate_close_contact.auth_seq_id_1    20 
_pdbx_validate_close_contact.PDB_ins_code_1   ? 
_pdbx_validate_close_contact.label_alt_id_1   ? 
_pdbx_validate_close_contact.auth_atom_id_2   O 
_pdbx_validate_close_contact.auth_asym_id_2   B 
_pdbx_validate_close_contact.auth_comp_id_2   HOH 
_pdbx_validate_close_contact.auth_seq_id_2    68 
_pdbx_validate_close_contact.PDB_ins_code_2   ? 
_pdbx_validate_close_contact.label_alt_id_2   ? 
_pdbx_validate_close_contact.dist             2.09 
# 
loop_
_pdbx_validate_rmsd_bond.id 
_pdbx_validate_rmsd_bond.PDB_model_num 
_pdbx_validate_rmsd_bond.auth_atom_id_1 
_pdbx_validate_rmsd_bond.auth_asym_id_1 
_pdbx_validate_rmsd_bond.auth_comp_id_1 
_pdbx_validate_rmsd_bond.auth_seq_id_1 
_pdbx_validate_rmsd_bond.PDB_ins_code_1 
_pdbx_validate_rmsd_bond.label_alt_id_1 
_pdbx_validate_rmsd_bond.auth_atom_id_2 
_pdbx_validate_rmsd_bond.auth_asym_id_2 
_pdbx_validate_rmsd_bond.auth_comp_id_2 
_pdbx_validate_rmsd_bond.auth_seq_id_2 
_pdbx_validate_rmsd_bond.PDB_ins_code_2 
_pdbx_validate_rmsd_bond.label_alt_id_2 
_pdbx_validate_rmsd_bond.bond_value 
_pdbx_validate_rmsd_bond.bond_target_value 
_pdbx_validate_rmsd_bond.bond_deviation 
_pdbx_validate_rmsd_bond.bond_standard_deviation 
_pdbx_validate_rmsd_bond.linker_flag 
1 1 P     A DG 2  ? ? "O5'" A DG 2  ? ? 1.533 1.593 -0.060 0.010 N 
2 1 P     A DA 5  ? ? "O5'" A DA 5  ? ? 1.676 1.593 0.083  0.010 N 
3 1 "O3'" A DT 7  ? ? P     A DT 8  ? ? 1.520 1.607 -0.087 0.012 Y 
4 1 P     A DT 8  ? ? "O5'" A DT 8  ? ? 1.700 1.593 0.107  0.010 N 
5 1 "O4'" A DG 12 ? ? "C4'" A DG 12 ? ? 1.375 1.446 -0.071 0.010 N 
6 1 P     B DA 17 ? ? "O5'" B DA 17 ? ? 1.664 1.593 0.071  0.010 N 
7 1 "O4'" B DA 18 ? ? "C4'" B DA 18 ? ? 1.386 1.446 -0.060 0.010 N 
8 1 P     B DT 19 ? ? "O5'" B DT 19 ? ? 1.659 1.593 0.066  0.010 N 
9 1 P     B DC 23 ? ? OP1   B DC 23 ? ? 1.604 1.485 0.119  0.017 N 
# 
loop_
_pdbx_validate_rmsd_angle.id 
_pdbx_validate_rmsd_angle.PDB_model_num 
_pdbx_validate_rmsd_angle.auth_atom_id_1 
_pdbx_validate_rmsd_angle.auth_asym_id_1 
_pdbx_validate_rmsd_angle.auth_comp_id_1 
_pdbx_validate_rmsd_angle.auth_seq_id_1 
_pdbx_validate_rmsd_angle.PDB_ins_code_1 
_pdbx_validate_rmsd_angle.label_alt_id_1 
_pdbx_validate_rmsd_angle.auth_atom_id_2 
_pdbx_validate_rmsd_angle.auth_asym_id_2 
_pdbx_validate_rmsd_angle.auth_comp_id_2 
_pdbx_validate_rmsd_angle.auth_seq_id_2 
_pdbx_validate_rmsd_angle.PDB_ins_code_2 
_pdbx_validate_rmsd_angle.label_alt_id_2 
_pdbx_validate_rmsd_angle.auth_atom_id_3 
_pdbx_validate_rmsd_angle.auth_asym_id_3 
_pdbx_validate_rmsd_angle.auth_comp_id_3 
_pdbx_validate_rmsd_angle.auth_seq_id_3 
_pdbx_validate_rmsd_angle.PDB_ins_code_3 
_pdbx_validate_rmsd_angle.label_alt_id_3 
_pdbx_validate_rmsd_angle.angle_value 
_pdbx_validate_rmsd_angle.angle_target_value 
_pdbx_validate_rmsd_angle.angle_deviation 
_pdbx_validate_rmsd_angle.angle_standard_deviation 
_pdbx_validate_rmsd_angle.linker_flag 
1  1 "O4'" A DC 1  ? ? "C4'" A DC 1  ? ? "C3'" A DC 1  ? ? 101.45 104.50 -3.05  0.40 N 
2  1 "C3'" A DC 1  ? ? "C2'" A DC 1  ? ? "C1'" A DC 1  ? ? 92.13  102.40 -10.27 0.80 N 
3  1 "O4'" A DC 1  ? ? "C1'" A DC 1  ? ? "C2'" A DC 1  ? ? 96.82  105.90 -9.08  0.80 N 
4  1 "O4'" A DC 1  ? ? "C1'" A DC 1  ? ? N1    A DC 1  ? ? 116.17 108.30 7.87   0.30 N 
5  1 N3    A DC 1  ? ? C4    A DC 1  ? ? C5    A DC 1  ? ? 118.93 121.90 -2.97  0.40 N 
6  1 N3    A DC 1  ? ? C4    A DC 1  ? ? N4    A DC 1  ? ? 122.48 118.00 4.48   0.70 N 
7  1 OP1   A DG 2  ? ? P     A DG 2  ? ? OP2   A DG 2  ? ? 109.72 119.60 -9.88  1.50 N 
8  1 P     A DG 2  ? ? "O5'" A DG 2  ? ? "C5'" A DG 2  ? ? 158.61 120.90 37.71  1.60 N 
9  1 "O4'" A DG 2  ? ? "C1'" A DG 2  ? ? "C2'" A DG 2  ? ? 101.08 105.90 -4.82  0.80 N 
10 1 C5    A DG 2  ? ? C6    A DG 2  ? ? O6    A DG 2  ? ? 124.96 128.60 -3.64  0.60 N 
11 1 N3    A DC 3  ? ? C4    A DC 3  ? ? C5    A DC 3  ? ? 118.70 121.90 -3.20  0.40 N 
12 1 "O5'" A DA 5  ? ? "C5'" A DA 5  ? ? "C4'" A DA 5  ? ? 103.31 109.40 -6.09  0.80 N 
13 1 P     A DA 5  ? ? "O5'" A DA 5  ? ? "C5'" A DA 5  ? ? 109.36 120.90 -11.54 1.60 N 
14 1 C5    A DA 5  ? ? C6    A DA 5  ? ? N1    A DA 5  ? ? 114.67 117.70 -3.03  0.50 N 
15 1 "O5'" A DA 6  ? ? "C5'" A DA 6  ? ? "C4'" A DA 6  ? ? 100.16 109.40 -9.24  0.80 N 
16 1 N1    A DA 6  ? ? C2    A DA 6  ? ? N3    A DA 6  ? ? 124.57 129.30 -4.73  0.50 N 
17 1 "C3'" A DA 6  ? ? "O3'" A DA 6  ? ? P     A DT 7  ? ? 137.38 119.70 17.68  1.20 Y 
18 1 "O5'" A DT 7  ? ? "C5'" A DT 7  ? ? "C4'" A DT 7  ? ? 101.75 109.40 -7.65  0.80 N 
19 1 "C1'" A DT 7  ? ? "O4'" A DT 7  ? ? "C4'" A DT 7  ? ? 103.29 110.10 -6.81  1.00 N 
20 1 "O4'" A DT 7  ? ? "C1'" A DT 7  ? ? N1    A DT 7  ? ? 101.91 108.00 -6.09  0.70 N 
21 1 C2    A DT 7  ? ? N3    A DT 7  ? ? C4    A DT 7  ? ? 122.30 127.20 -4.90  0.60 N 
22 1 N3    A DT 7  ? ? C4    A DT 7  ? ? C5    A DT 7  ? ? 119.01 115.20 3.81   0.60 N 
23 1 C5    A DT 7  ? ? C4    A DT 7  ? ? O4    A DT 7  ? ? 120.18 124.90 -4.72  0.70 N 
24 1 "O3'" A DT 7  ? ? P     A DT 8  ? ? OP2   A DT 8  ? ? 117.14 110.50 6.64   1.10 Y 
25 1 "O4'" A DT 8  ? ? "C1'" A DT 8  ? ? "C2'" A DT 8  ? ? 100.15 105.90 -5.75  0.80 N 
26 1 C2    A DT 8  ? ? N3    A DT 8  ? ? C4    A DT 8  ? ? 123.19 127.20 -4.01  0.60 N 
27 1 "C3'" A DT 8  ? ? "O3'" A DT 8  ? ? P     A DC 9  ? ? 127.73 119.70 8.03   1.20 Y 
28 1 P     A DC 9  ? ? "O5'" A DC 9  ? ? "C5'" A DC 9  ? ? 109.70 120.90 -11.20 1.60 N 
29 1 "C5'" A DC 9  ? ? "C4'" A DC 9  ? ? "O4'" A DC 9  ? ? 116.76 109.80 6.96   1.10 N 
30 1 "O5'" A DG 10 ? ? "C5'" A DG 10 ? ? "C4'" A DG 10 ? ? 102.45 109.40 -6.95  0.80 N 
31 1 "C3'" A DG 10 ? ? "C2'" A DG 10 ? ? "C1'" A DG 10 ? ? 93.14  102.40 -9.26  0.80 N 
32 1 "O4'" A DG 10 ? ? "C1'" A DG 10 ? ? N9    A DG 10 ? ? 111.22 108.30 2.92   0.30 N 
33 1 "O5'" A DC 11 ? ? P     A DC 11 ? ? OP2   A DC 11 ? ? 121.37 110.70 10.67  1.20 N 
34 1 "O5'" A DC 11 ? ? "C5'" A DC 11 ? ? "C4'" A DC 11 ? ? 100.40 109.40 -9.00  0.80 N 
35 1 "O4'" A DC 11 ? ? "C1'" A DC 11 ? ? N1    A DC 11 ? ? 101.57 108.00 -6.43  0.70 N 
36 1 C2    A DC 11 ? ? N3    A DC 11 ? ? C4    A DC 11 ? ? 123.67 119.90 3.77   0.50 N 
37 1 N3    A DC 11 ? ? C4    A DC 11 ? ? C5    A DC 11 ? ? 119.03 121.90 -2.87  0.40 N 
38 1 "C3'" A DC 11 ? ? "O3'" A DC 11 ? ? P     A DG 12 ? ? 110.77 119.70 -8.93  1.20 Y 
39 1 "O5'" A DG 12 ? ? "C5'" A DG 12 ? ? "C4'" A DG 12 ? ? 103.59 109.40 -5.81  0.80 N 
40 1 P     A DG 12 ? ? "O5'" A DG 12 ? ? "C5'" A DG 12 ? ? 136.25 120.90 15.35  1.60 N 
41 1 "O4'" A DG 12 ? ? "C1'" A DG 12 ? ? N9    A DG 12 ? ? 101.16 108.00 -6.84  0.70 N 
42 1 "O5'" B DG 14 ? ? "C5'" B DG 14 ? ? "C4'" B DG 14 ? ? 102.79 109.40 -6.61  0.80 N 
43 1 "O5'" B DC 15 ? ? "C5'" B DC 15 ? ? "C4'" B DC 15 ? ? 101.11 109.40 -8.29  0.80 N 
44 1 "O4'" B DC 15 ? ? "C1'" B DC 15 ? ? "C2'" B DC 15 ? ? 109.87 106.80 3.07   0.50 N 
45 1 "C3'" B DC 15 ? ? "O3'" B DC 15 ? ? P     B DI 16 ? ? 131.06 119.70 11.36  1.20 Y 
46 1 "C3'" B DI 16 ? ? "O3'" B DI 16 ? ? P     B DA 17 ? ? 129.16 119.70 9.46   1.20 Y 
47 1 "O5'" B DA 17 ? ? P     B DA 17 ? ? OP2   B DA 17 ? ? 122.19 110.70 11.49  1.20 N 
48 1 P     B DA 17 ? ? "O5'" B DA 17 ? ? "C5'" B DA 17 ? ? 105.69 120.90 -15.21 1.60 N 
49 1 "O4'" B DA 17 ? ? "C4'" B DA 17 ? ? "C3'" B DA 17 ? ? 101.57 104.50 -2.93  0.40 N 
50 1 "C5'" B DA 17 ? ? "C4'" B DA 17 ? ? "O4'" B DA 17 ? ? 117.74 109.80 7.94   1.10 N 
51 1 "C3'" B DA 17 ? ? "C2'" B DA 17 ? ? "C1'" B DA 17 ? ? 95.37  102.40 -7.03  0.80 N 
52 1 "O4'" B DA 17 ? ? "C1'" B DA 17 ? ? N9    B DA 17 ? ? 113.88 108.30 5.58   0.30 N 
53 1 C6    B DA 17 ? ? N1    B DA 17 ? ? C2    B DA 17 ? ? 123.01 118.60 4.41   0.60 N 
54 1 N1    B DA 17 ? ? C2    B DA 17 ? ? N3    B DA 17 ? ? 125.93 129.30 -3.37  0.50 N 
55 1 C5    B DA 17 ? ? C6    B DA 17 ? ? N1    B DA 17 ? ? 114.12 117.70 -3.58  0.50 N 
56 1 "O5'" B DA 18 ? ? P     B DA 18 ? ? OP2   B DA 18 ? ? 120.04 110.70 9.34   1.20 N 
57 1 "O5'" B DA 18 ? ? "C5'" B DA 18 ? ? "C4'" B DA 18 ? ? 100.40 109.40 -9.00  0.80 N 
58 1 P     B DA 18 ? ? "O5'" B DA 18 ? ? "C5'" B DA 18 ? ? 103.70 120.90 -17.20 1.60 N 
59 1 "O4'" B DA 18 ? ? "C4'" B DA 18 ? ? "C3'" B DA 18 ? ? 111.20 106.00 5.20   0.60 N 
60 1 C6    B DA 18 ? ? N1    B DA 18 ? ? C2    B DA 18 ? ? 122.25 118.60 3.65   0.60 N 
61 1 N1    B DA 18 ? ? C2    B DA 18 ? ? N3    B DA 18 ? ? 125.22 129.30 -4.08  0.50 N 
62 1 "O3'" B DA 18 ? ? P     B DT 19 ? ? OP2   B DT 19 ? ? 117.70 110.50 7.20   1.10 Y 
63 1 "O5'" B DT 19 ? ? "C5'" B DT 19 ? ? "C4'" B DT 19 ? ? 103.17 109.40 -6.23  0.80 N 
64 1 P     B DT 19 ? ? "O5'" B DT 19 ? ? "C5'" B DT 19 ? ? 100.84 120.90 -20.06 1.60 N 
65 1 N1    B DT 19 ? ? C2    B DT 19 ? ? N3    B DT 19 ? ? 118.57 114.60 3.97   0.60 N 
66 1 C2    B DT 19 ? ? N3    B DT 19 ? ? C4    B DT 19 ? ? 121.70 127.20 -5.50  0.60 N 
67 1 N3    B DT 19 ? ? C4    B DT 19 ? ? C5    B DT 19 ? ? 119.15 115.20 3.95   0.60 N 
68 1 N3    B DT 19 ? ? C4    B DT 19 ? ? O4    B DT 19 ? ? 114.03 119.90 -5.87  0.60 N 
69 1 "O5'" B DT 20 ? ? P     B DT 20 ? ? OP2   B DT 20 ? ? 118.37 110.70 7.67   1.20 N 
70 1 "O5'" B DT 20 ? ? "C5'" B DT 20 ? ? "C4'" B DT 20 ? ? 102.85 109.40 -6.55  0.80 N 
71 1 P     B DT 20 ? ? "O5'" B DT 20 ? ? "C5'" B DT 20 ? ? 106.72 120.90 -14.18 1.60 N 
72 1 C2    B DT 20 ? ? N3    B DT 20 ? ? C4    B DT 20 ? ? 122.03 127.20 -5.17  0.60 N 
73 1 N3    B DT 20 ? ? C4    B DT 20 ? ? C5    B DT 20 ? ? 119.19 115.20 3.99   0.60 N 
74 1 "O5'" B DC 21 ? ? "C5'" B DC 21 ? ? "C4'" B DC 21 ? ? 98.76  109.40 -10.64 0.80 N 
75 1 "O4'" B DC 21 ? ? "C1'" B DC 21 ? ? N1    B DC 21 ? ? 97.27  108.00 -10.73 0.70 N 
76 1 P     B DG 22 ? ? "O5'" B DG 22 ? ? "C5'" B DG 22 ? ? 134.59 120.90 13.69  1.60 N 
77 1 "O4'" B DG 22 ? ? "C4'" B DG 22 ? ? "C3'" B DG 22 ? ? 101.56 104.50 -2.94  0.40 N 
78 1 "O4'" B DG 22 ? ? "C1'" B DG 22 ? ? "C2'" B DG 22 ? ? 100.89 105.90 -5.01  0.80 N 
79 1 N9    B DG 22 ? ? "C1'" B DG 22 ? ? "C2'" B DG 22 ? ? 124.85 114.30 10.55  1.40 N 
80 1 "O4'" B DG 22 ? ? "C1'" B DG 22 ? ? N9    B DG 22 ? ? 100.80 108.00 -7.20  0.70 N 
81 1 C5    B DG 22 ? ? C6    B DG 22 ? ? N1    B DG 22 ? ? 114.58 111.50 3.08   0.50 N 
82 1 "O5'" B DC 23 ? ? P     B DC 23 ? ? OP2   B DC 23 ? ? 121.44 110.70 10.74  1.20 N 
83 1 "O4'" B DC 23 ? ? "C4'" B DC 23 ? ? "C3'" B DC 23 ? ? 109.64 106.00 3.64   0.60 N 
84 1 "O5'" B DG 24 ? ? "C5'" B DG 24 ? ? "C4'" B DG 24 ? ? 101.83 109.40 -7.57  0.80 N 
85 1 "O4'" B DG 24 ? ? "C1'" B DG 24 ? ? N9    B DG 24 ? ? 110.73 108.30 2.43   0.30 N 
# 
loop_
_refine_B_iso.class 
_refine_B_iso.details 
_refine_B_iso.treatment 
_refine_B_iso.pdbx_refine_id 
'ALL ATOMS'  TR isotropic 'X-RAY DIFFRACTION' 
'ALL WATERS' TR isotropic 'X-RAY DIFFRACTION' 
# 
loop_
_refine_occupancy.class 
_refine_occupancy.treatment 
_refine_occupancy.pdbx_refine_id 
'ALL ATOMS'  fix 'X-RAY DIFFRACTION' 
'ALL WATERS' fix 'X-RAY DIFFRACTION' 
# 
loop_
_chem_comp_atom.comp_id 
_chem_comp_atom.atom_id 
_chem_comp_atom.type_symbol 
_chem_comp_atom.pdbx_aromatic_flag 
_chem_comp_atom.pdbx_stereo_config 
_chem_comp_atom.pdbx_ordinal 
DA  OP3    O N N 1   
DA  P      P N N 2   
DA  OP1    O N N 3   
DA  OP2    O N N 4   
DA  "O5'"  O N N 5   
DA  "C5'"  C N N 6   
DA  "C4'"  C N R 7   
DA  "O4'"  O N N 8   
DA  "C3'"  C N S 9   
DA  "O3'"  O N N 10  
DA  "C2'"  C N N 11  
DA  "C1'"  C N R 12  
DA  N9     N Y N 13  
DA  C8     C Y N 14  
DA  N7     N Y N 15  
DA  C5     C Y N 16  
DA  C6     C Y N 17  
DA  N6     N N N 18  
DA  N1     N Y N 19  
DA  C2     C Y N 20  
DA  N3     N Y N 21  
DA  C4     C Y N 22  
DA  HOP3   H N N 23  
DA  HOP2   H N N 24  
DA  "H5'"  H N N 25  
DA  "H5''" H N N 26  
DA  "H4'"  H N N 27  
DA  "H3'"  H N N 28  
DA  "HO3'" H N N 29  
DA  "H2'"  H N N 30  
DA  "H2''" H N N 31  
DA  "H1'"  H N N 32  
DA  H8     H N N 33  
DA  H61    H N N 34  
DA  H62    H N N 35  
DA  H2     H N N 36  
DC  OP3    O N N 37  
DC  P      P N N 38  
DC  OP1    O N N 39  
DC  OP2    O N N 40  
DC  "O5'"  O N N 41  
DC  "C5'"  C N N 42  
DC  "C4'"  C N R 43  
DC  "O4'"  O N N 44  
DC  "C3'"  C N S 45  
DC  "O3'"  O N N 46  
DC  "C2'"  C N N 47  
DC  "C1'"  C N R 48  
DC  N1     N N N 49  
DC  C2     C N N 50  
DC  O2     O N N 51  
DC  N3     N N N 52  
DC  C4     C N N 53  
DC  N4     N N N 54  
DC  C5     C N N 55  
DC  C6     C N N 56  
DC  HOP3   H N N 57  
DC  HOP2   H N N 58  
DC  "H5'"  H N N 59  
DC  "H5''" H N N 60  
DC  "H4'"  H N N 61  
DC  "H3'"  H N N 62  
DC  "HO3'" H N N 63  
DC  "H2'"  H N N 64  
DC  "H2''" H N N 65  
DC  "H1'"  H N N 66  
DC  H41    H N N 67  
DC  H42    H N N 68  
DC  H5     H N N 69  
DC  H6     H N N 70  
DG  OP3    O N N 71  
DG  P      P N N 72  
DG  OP1    O N N 73  
DG  OP2    O N N 74  
DG  "O5'"  O N N 75  
DG  "C5'"  C N N 76  
DG  "C4'"  C N R 77  
DG  "O4'"  O N N 78  
DG  "C3'"  C N S 79  
DG  "O3'"  O N N 80  
DG  "C2'"  C N N 81  
DG  "C1'"  C N R 82  
DG  N9     N Y N 83  
DG  C8     C Y N 84  
DG  N7     N Y N 85  
DG  C5     C Y N 86  
DG  C6     C N N 87  
DG  O6     O N N 88  
DG  N1     N N N 89  
DG  C2     C N N 90  
DG  N2     N N N 91  
DG  N3     N N N 92  
DG  C4     C Y N 93  
DG  HOP3   H N N 94  
DG  HOP2   H N N 95  
DG  "H5'"  H N N 96  
DG  "H5''" H N N 97  
DG  "H4'"  H N N 98  
DG  "H3'"  H N N 99  
DG  "HO3'" H N N 100 
DG  "H2'"  H N N 101 
DG  "H2''" H N N 102 
DG  "H1'"  H N N 103 
DG  H8     H N N 104 
DG  H1     H N N 105 
DG  H21    H N N 106 
DG  H22    H N N 107 
DI  OP3    O N N 108 
DI  P      P N N 109 
DI  OP1    O N N 110 
DI  OP2    O N N 111 
DI  "O5'"  O N N 112 
DI  "C5'"  C N N 113 
DI  "C4'"  C N R 114 
DI  "O4'"  O N N 115 
DI  "C3'"  C N S 116 
DI  "O3'"  O N N 117 
DI  "C2'"  C N N 118 
DI  "C1'"  C N R 119 
DI  N9     N Y N 120 
DI  C8     C Y N 121 
DI  N7     N Y N 122 
DI  C5     C Y N 123 
DI  C6     C N N 124 
DI  O6     O N N 125 
DI  N1     N N N 126 
DI  C2     C N N 127 
DI  N3     N N N 128 
DI  C4     C Y N 129 
DI  HOP3   H N N 130 
DI  HOP2   H N N 131 
DI  "H5'"  H N N 132 
DI  "H5''" H N N 133 
DI  "H4'"  H N N 134 
DI  "H3'"  H N N 135 
DI  "HO3'" H N N 136 
DI  "H2'"  H N N 137 
DI  "H2''" H N N 138 
DI  "H1'"  H N N 139 
DI  H8     H N N 140 
DI  H1     H N N 141 
DI  H2     H N N 142 
DT  OP3    O N N 143 
DT  P      P N N 144 
DT  OP1    O N N 145 
DT  OP2    O N N 146 
DT  "O5'"  O N N 147 
DT  "C5'"  C N N 148 
DT  "C4'"  C N R 149 
DT  "O4'"  O N N 150 
DT  "C3'"  C N S 151 
DT  "O3'"  O N N 152 
DT  "C2'"  C N N 153 
DT  "C1'"  C N R 154 
DT  N1     N N N 155 
DT  C2     C N N 156 
DT  O2     O N N 157 
DT  N3     N N N 158 
DT  C4     C N N 159 
DT  O4     O N N 160 
DT  C5     C N N 161 
DT  C7     C N N 162 
DT  C6     C N N 163 
DT  HOP3   H N N 164 
DT  HOP2   H N N 165 
DT  "H5'"  H N N 166 
DT  "H5''" H N N 167 
DT  "H4'"  H N N 168 
DT  "H3'"  H N N 169 
DT  "HO3'" H N N 170 
DT  "H2'"  H N N 171 
DT  "H2''" H N N 172 
DT  "H1'"  H N N 173 
DT  H3     H N N 174 
DT  H71    H N N 175 
DT  H72    H N N 176 
DT  H73    H N N 177 
DT  H6     H N N 178 
HOH O      O N N 179 
HOH H1     H N N 180 
HOH H2     H N N 181 
# 
loop_
_chem_comp_bond.comp_id 
_chem_comp_bond.atom_id_1 
_chem_comp_bond.atom_id_2 
_chem_comp_bond.value_order 
_chem_comp_bond.pdbx_aromatic_flag 
_chem_comp_bond.pdbx_stereo_config 
_chem_comp_bond.pdbx_ordinal 
DA  OP3   P      sing N N 1   
DA  OP3   HOP3   sing N N 2   
DA  P     OP1    doub N N 3   
DA  P     OP2    sing N N 4   
DA  P     "O5'"  sing N N 5   
DA  OP2   HOP2   sing N N 6   
DA  "O5'" "C5'"  sing N N 7   
DA  "C5'" "C4'"  sing N N 8   
DA  "C5'" "H5'"  sing N N 9   
DA  "C5'" "H5''" sing N N 10  
DA  "C4'" "O4'"  sing N N 11  
DA  "C4'" "C3'"  sing N N 12  
DA  "C4'" "H4'"  sing N N 13  
DA  "O4'" "C1'"  sing N N 14  
DA  "C3'" "O3'"  sing N N 15  
DA  "C3'" "C2'"  sing N N 16  
DA  "C3'" "H3'"  sing N N 17  
DA  "O3'" "HO3'" sing N N 18  
DA  "C2'" "C1'"  sing N N 19  
DA  "C2'" "H2'"  sing N N 20  
DA  "C2'" "H2''" sing N N 21  
DA  "C1'" N9     sing N N 22  
DA  "C1'" "H1'"  sing N N 23  
DA  N9    C8     sing Y N 24  
DA  N9    C4     sing Y N 25  
DA  C8    N7     doub Y N 26  
DA  C8    H8     sing N N 27  
DA  N7    C5     sing Y N 28  
DA  C5    C6     sing Y N 29  
DA  C5    C4     doub Y N 30  
DA  C6    N6     sing N N 31  
DA  C6    N1     doub Y N 32  
DA  N6    H61    sing N N 33  
DA  N6    H62    sing N N 34  
DA  N1    C2     sing Y N 35  
DA  C2    N3     doub Y N 36  
DA  C2    H2     sing N N 37  
DA  N3    C4     sing Y N 38  
DC  OP3   P      sing N N 39  
DC  OP3   HOP3   sing N N 40  
DC  P     OP1    doub N N 41  
DC  P     OP2    sing N N 42  
DC  P     "O5'"  sing N N 43  
DC  OP2   HOP2   sing N N 44  
DC  "O5'" "C5'"  sing N N 45  
DC  "C5'" "C4'"  sing N N 46  
DC  "C5'" "H5'"  sing N N 47  
DC  "C5'" "H5''" sing N N 48  
DC  "C4'" "O4'"  sing N N 49  
DC  "C4'" "C3'"  sing N N 50  
DC  "C4'" "H4'"  sing N N 51  
DC  "O4'" "C1'"  sing N N 52  
DC  "C3'" "O3'"  sing N N 53  
DC  "C3'" "C2'"  sing N N 54  
DC  "C3'" "H3'"  sing N N 55  
DC  "O3'" "HO3'" sing N N 56  
DC  "C2'" "C1'"  sing N N 57  
DC  "C2'" "H2'"  sing N N 58  
DC  "C2'" "H2''" sing N N 59  
DC  "C1'" N1     sing N N 60  
DC  "C1'" "H1'"  sing N N 61  
DC  N1    C2     sing N N 62  
DC  N1    C6     sing N N 63  
DC  C2    O2     doub N N 64  
DC  C2    N3     sing N N 65  
DC  N3    C4     doub N N 66  
DC  C4    N4     sing N N 67  
DC  C4    C5     sing N N 68  
DC  N4    H41    sing N N 69  
DC  N4    H42    sing N N 70  
DC  C5    C6     doub N N 71  
DC  C5    H5     sing N N 72  
DC  C6    H6     sing N N 73  
DG  OP3   P      sing N N 74  
DG  OP3   HOP3   sing N N 75  
DG  P     OP1    doub N N 76  
DG  P     OP2    sing N N 77  
DG  P     "O5'"  sing N N 78  
DG  OP2   HOP2   sing N N 79  
DG  "O5'" "C5'"  sing N N 80  
DG  "C5'" "C4'"  sing N N 81  
DG  "C5'" "H5'"  sing N N 82  
DG  "C5'" "H5''" sing N N 83  
DG  "C4'" "O4'"  sing N N 84  
DG  "C4'" "C3'"  sing N N 85  
DG  "C4'" "H4'"  sing N N 86  
DG  "O4'" "C1'"  sing N N 87  
DG  "C3'" "O3'"  sing N N 88  
DG  "C3'" "C2'"  sing N N 89  
DG  "C3'" "H3'"  sing N N 90  
DG  "O3'" "HO3'" sing N N 91  
DG  "C2'" "C1'"  sing N N 92  
DG  "C2'" "H2'"  sing N N 93  
DG  "C2'" "H2''" sing N N 94  
DG  "C1'" N9     sing N N 95  
DG  "C1'" "H1'"  sing N N 96  
DG  N9    C8     sing Y N 97  
DG  N9    C4     sing Y N 98  
DG  C8    N7     doub Y N 99  
DG  C8    H8     sing N N 100 
DG  N7    C5     sing Y N 101 
DG  C5    C6     sing N N 102 
DG  C5    C4     doub Y N 103 
DG  C6    O6     doub N N 104 
DG  C6    N1     sing N N 105 
DG  N1    C2     sing N N 106 
DG  N1    H1     sing N N 107 
DG  C2    N2     sing N N 108 
DG  C2    N3     doub N N 109 
DG  N2    H21    sing N N 110 
DG  N2    H22    sing N N 111 
DG  N3    C4     sing N N 112 
DI  OP3   P      sing N N 113 
DI  OP3   HOP3   sing N N 114 
DI  P     OP1    doub N N 115 
DI  P     OP2    sing N N 116 
DI  P     "O5'"  sing N N 117 
DI  OP2   HOP2   sing N N 118 
DI  "O5'" "C5'"  sing N N 119 
DI  "C5'" "C4'"  sing N N 120 
DI  "C5'" "H5'"  sing N N 121 
DI  "C5'" "H5''" sing N N 122 
DI  "C4'" "O4'"  sing N N 123 
DI  "C4'" "C3'"  sing N N 124 
DI  "C4'" "H4'"  sing N N 125 
DI  "O4'" "C1'"  sing N N 126 
DI  "C3'" "O3'"  sing N N 127 
DI  "C3'" "C2'"  sing N N 128 
DI  "C3'" "H3'"  sing N N 129 
DI  "O3'" "HO3'" sing N N 130 
DI  "C2'" "C1'"  sing N N 131 
DI  "C2'" "H2'"  sing N N 132 
DI  "C2'" "H2''" sing N N 133 
DI  "C1'" N9     sing N N 134 
DI  "C1'" "H1'"  sing N N 135 
DI  N9    C8     sing Y N 136 
DI  N9    C4     sing Y N 137 
DI  C8    N7     doub Y N 138 
DI  C8    H8     sing N N 139 
DI  N7    C5     sing Y N 140 
DI  C5    C6     sing N N 141 
DI  C5    C4     doub Y N 142 
DI  C6    O6     doub N N 143 
DI  C6    N1     sing N N 144 
DI  N1    C2     sing N N 145 
DI  N1    H1     sing N N 146 
DI  C2    N3     doub N N 147 
DI  C2    H2     sing N N 148 
DI  N3    C4     sing N N 149 
DT  OP3   P      sing N N 150 
DT  OP3   HOP3   sing N N 151 
DT  P     OP1    doub N N 152 
DT  P     OP2    sing N N 153 
DT  P     "O5'"  sing N N 154 
DT  OP2   HOP2   sing N N 155 
DT  "O5'" "C5'"  sing N N 156 
DT  "C5'" "C4'"  sing N N 157 
DT  "C5'" "H5'"  sing N N 158 
DT  "C5'" "H5''" sing N N 159 
DT  "C4'" "O4'"  sing N N 160 
DT  "C4'" "C3'"  sing N N 161 
DT  "C4'" "H4'"  sing N N 162 
DT  "O4'" "C1'"  sing N N 163 
DT  "C3'" "O3'"  sing N N 164 
DT  "C3'" "C2'"  sing N N 165 
DT  "C3'" "H3'"  sing N N 166 
DT  "O3'" "HO3'" sing N N 167 
DT  "C2'" "C1'"  sing N N 168 
DT  "C2'" "H2'"  sing N N 169 
DT  "C2'" "H2''" sing N N 170 
DT  "C1'" N1     sing N N 171 
DT  "C1'" "H1'"  sing N N 172 
DT  N1    C2     sing N N 173 
DT  N1    C6     sing N N 174 
DT  C2    O2     doub N N 175 
DT  C2    N3     sing N N 176 
DT  N3    C4     sing N N 177 
DT  N3    H3     sing N N 178 
DT  C4    O4     doub N N 179 
DT  C4    C5     sing N N 180 
DT  C5    C7     sing N N 181 
DT  C5    C6     doub N N 182 
DT  C7    H71    sing N N 183 
DT  C7    H72    sing N N 184 
DT  C7    H73    sing N N 185 
DT  C6    H6     sing N N 186 
HOH O     H1     sing N N 187 
HOH O     H2     sing N N 188 
# 
loop_
_ndb_struct_conf_na.entry_id 
_ndb_struct_conf_na.feature 
1D77 'double helix'         
1D77 'b-form double helix'  
1D77 'mismatched base pair' 
# 
loop_
_ndb_struct_na_base_pair.model_number 
_ndb_struct_na_base_pair.i_label_asym_id 
_ndb_struct_na_base_pair.i_label_comp_id 
_ndb_struct_na_base_pair.i_label_seq_id 
_ndb_struct_na_base_pair.i_symmetry 
_ndb_struct_na_base_pair.j_label_asym_id 
_ndb_struct_na_base_pair.j_label_comp_id 
_ndb_struct_na_base_pair.j_label_seq_id 
_ndb_struct_na_base_pair.j_symmetry 
_ndb_struct_na_base_pair.shear 
_ndb_struct_na_base_pair.stretch 
_ndb_struct_na_base_pair.stagger 
_ndb_struct_na_base_pair.buckle 
_ndb_struct_na_base_pair.propeller 
_ndb_struct_na_base_pair.opening 
_ndb_struct_na_base_pair.pair_number 
_ndb_struct_na_base_pair.pair_name 
_ndb_struct_na_base_pair.i_auth_asym_id 
_ndb_struct_na_base_pair.i_auth_seq_id 
_ndb_struct_na_base_pair.i_PDB_ins_code 
_ndb_struct_na_base_pair.j_auth_asym_id 
_ndb_struct_na_base_pair.j_auth_seq_id 
_ndb_struct_na_base_pair.j_PDB_ins_code 
_ndb_struct_na_base_pair.hbond_type_28 
_ndb_struct_na_base_pair.hbond_type_12 
1 A DC 1  1_555 B DG 12 1_555 -0.046 -0.070 0.014  8.888  -17.069 -2.042 1  A_DC1:DG24_B  A 1  ? B 24 ? 19 1 
1 A DG 2  1_555 B DC 11 1_555 -0.090 -0.183 0.114  -2.623 -15.489 -5.223 2  A_DG2:DC23_B  A 2  ? B 23 ? 19 1 
1 A DC 3  1_555 B DG 10 1_555 0.553  -0.274 -0.242 -9.642 -5.625  0.168  3  A_DC3:DG22_B  A 3  ? B 22 ? 19 1 
1 A DA 5  1_555 B DT 8  1_555 0.282  -0.047 0.165  11.126 -17.555 0.398  4  A_DA5:DT20_B  A 5  ? B 20 ? 20 1 
1 A DA 6  1_555 B DT 7  1_555 0.325  -0.011 0.046  5.800  -20.335 -3.631 5  A_DA6:DT19_B  A 6  ? B 19 ? 20 1 
1 A DT 7  1_555 B DA 6  1_555 -0.207 -0.158 -0.151 -0.061 -19.698 4.749  6  A_DT7:DA18_B  A 7  ? B 18 ? 20 1 
1 A DT 8  1_555 B DA 5  1_555 0.006  -0.286 0.187  -0.556 -19.759 -1.479 7  A_DT8:DA17_B  A 8  ? B 17 ? 20 1 
1 A DG 10 1_555 B DC 3  1_555 -0.305 -0.165 0.494  10.108 -8.657  0.290  8  A_DG10:DC15_B A 10 ? B 15 ? 19 1 
1 A DC 11 1_555 B DG 2  1_555 -0.024 -0.227 0.478  1.037  -23.086 -4.827 9  A_DC11:DG14_B A 11 ? B 14 ? 19 1 
1 A DG 12 1_555 B DC 1  1_555 -0.171 -0.203 0.321  8.980  1.703   -5.920 10 A_DG12:DC13_B A 12 ? B 13 ? 19 1 
# 
loop_
_ndb_struct_na_base_pair_step.model_number 
_ndb_struct_na_base_pair_step.i_label_asym_id_1 
_ndb_struct_na_base_pair_step.i_label_comp_id_1 
_ndb_struct_na_base_pair_step.i_label_seq_id_1 
_ndb_struct_na_base_pair_step.i_symmetry_1 
_ndb_struct_na_base_pair_step.j_label_asym_id_1 
_ndb_struct_na_base_pair_step.j_label_comp_id_1 
_ndb_struct_na_base_pair_step.j_label_seq_id_1 
_ndb_struct_na_base_pair_step.j_symmetry_1 
_ndb_struct_na_base_pair_step.i_label_asym_id_2 
_ndb_struct_na_base_pair_step.i_label_comp_id_2 
_ndb_struct_na_base_pair_step.i_label_seq_id_2 
_ndb_struct_na_base_pair_step.i_symmetry_2 
_ndb_struct_na_base_pair_step.j_label_asym_id_2 
_ndb_struct_na_base_pair_step.j_label_comp_id_2 
_ndb_struct_na_base_pair_step.j_label_seq_id_2 
_ndb_struct_na_base_pair_step.j_symmetry_2 
_ndb_struct_na_base_pair_step.shift 
_ndb_struct_na_base_pair_step.slide 
_ndb_struct_na_base_pair_step.rise 
_ndb_struct_na_base_pair_step.tilt 
_ndb_struct_na_base_pair_step.roll 
_ndb_struct_na_base_pair_step.twist 
_ndb_struct_na_base_pair_step.x_displacement 
_ndb_struct_na_base_pair_step.y_displacement 
_ndb_struct_na_base_pair_step.helical_rise 
_ndb_struct_na_base_pair_step.inclination 
_ndb_struct_na_base_pair_step.tip 
_ndb_struct_na_base_pair_step.helical_twist 
_ndb_struct_na_base_pair_step.step_number 
_ndb_struct_na_base_pair_step.step_name 
_ndb_struct_na_base_pair_step.i_auth_asym_id_1 
_ndb_struct_na_base_pair_step.i_auth_seq_id_1 
_ndb_struct_na_base_pair_step.i_PDB_ins_code_1 
_ndb_struct_na_base_pair_step.j_auth_asym_id_1 
_ndb_struct_na_base_pair_step.j_auth_seq_id_1 
_ndb_struct_na_base_pair_step.j_PDB_ins_code_1 
_ndb_struct_na_base_pair_step.i_auth_asym_id_2 
_ndb_struct_na_base_pair_step.i_auth_seq_id_2 
_ndb_struct_na_base_pair_step.i_PDB_ins_code_2 
_ndb_struct_na_base_pair_step.j_auth_asym_id_2 
_ndb_struct_na_base_pair_step.j_auth_seq_id_2 
_ndb_struct_na_base_pair_step.j_PDB_ins_code_2 
1 A DC 1  1_555 B DG 12 1_555 A DG 2  1_555 B DC 11 1_555 -0.499 0.224  3.786 -3.195 -0.479  40.094 0.388  0.304  3.810 -0.697  
4.651  40.219 1 AA_DC1DG2:DC23DG24_BB   A 1  ? B 24 ? A 2  ? B 23 ? 
1 A DG 2  1_555 B DC 11 1_555 A DC 3  1_555 B DG 10 1_555 0.819  0.446  3.530 6.487  -2.979  41.875 0.946  -0.411 3.574 -4.132  
-8.998 42.452 2 AA_DG2DC3:DG22DC23_BB   A 2  ? B 23 ? A 3  ? B 22 ? 
1 A DC 3  1_555 B DG 10 1_555 A DA 5  1_555 B DT 8  1_555 0.279  1.011  6.097 0.083  13.953  63.284 -0.175 -0.254 6.177 13.130  
-0.078 64.648 3 AA_DC3DA5:DT20DG22_BB   A 3  ? B 22 ? A 5  ? B 20 ? 
1 A DA 5  1_555 B DT 8  1_555 A DA 6  1_555 B DT 7  1_555 -0.301 -0.567 3.461 -0.022 -2.508  35.771 -0.539 0.486  3.492 -4.076  
0.036  35.856 4 AA_DA5DA6:DT19DT20_BB   A 5  ? B 20 ? A 6  ? B 19 ? 
1 A DA 6  1_555 B DT 7  1_555 A DT 7  1_555 B DA 6  1_555 0.590  -0.628 3.362 4.491  3.075   30.950 -1.755 -0.220 3.336 5.706   
-8.336 31.413 5 AA_DA6DT7:DA18DT19_BB   A 6  ? B 19 ? A 7  ? B 18 ? 
1 A DT 7  1_555 B DA 6  1_555 A DT 8  1_555 B DA 5  1_555 -0.423 -0.200 3.227 -4.026 -0.444  38.338 -0.249 0.146  3.256 -0.674  
6.110  38.544 6 AA_DT7DT8:DA17DA18_BB   A 7  ? B 18 ? A 8  ? B 17 ? 
1 A DT 8  1_555 B DA 5  1_555 A DG 10 1_555 B DC 3  1_555 0.062  1.078  6.676 -3.054 -3.128  67.021 1.222  -0.298 6.618 -2.830  
2.763  67.147 7 AA_DT8DG10:DC15DA17_BB  A 8  ? B 17 ? A 10 ? B 15 ? 
1 A DG 10 1_555 B DC 3  1_555 A DC 11 1_555 B DG 2  1_555 -1.186 0.331  3.640 -2.462 -10.861 40.655 1.710  1.368  3.506 -15.289 
3.466  42.090 8 AA_DG10DC11:DG14DC15_BB A 10 ? B 15 ? A 11 ? B 14 ? 
1 A DC 11 1_555 B DG 2  1_555 A DG 12 1_555 B DC 1  1_555 0.176  0.164  3.257 0.840  1.933   34.712 -0.020 -0.167 3.265 3.236   
-1.406 34.774 9 AA_DC11DG12:DC13DG14_BB A 11 ? B 14 ? A 12 ? B 13 ? 
# 
_atom_sites.entry_id                    1D77 
_atom_sites.fract_transf_matrix[1][1]   0.02992222 
_atom_sites.fract_transf_matrix[1][2]   -0.00928521 
_atom_sites.fract_transf_matrix[1][3]   0.02512670 
_atom_sites.fract_transf_matrix[2][1]   0.00795586 
_atom_sites.fract_transf_matrix[2][2]   0.02342427 
_atom_sites.fract_transf_matrix[2][3]   -0.00081816 
_atom_sites.fract_transf_matrix[3][1]   -0.00880176 
_atom_sites.fract_transf_matrix[3][2]   0.00339943 
_atom_sites.fract_transf_matrix[3][3]   0.01173782 
_atom_sites.fract_transf_vector[1]      0.597959 
_atom_sites.fract_transf_vector[2]      0.524229 
_atom_sites.fract_transf_vector[3]      0.130848 
# 
loop_
_atom_type.symbol 
C 
N 
O 
P 
# 
loop_
_atom_site.group_PDB 
_atom_site.id 
_atom_site.type_symbol 
_atom_site.label_atom_id 
_atom_site.label_alt_id 
_atom_site.label_comp_id 
_atom_site.label_asym_id 
_atom_site.label_entity_id 
_atom_site.label_seq_id 
_atom_site.pdbx_PDB_ins_code 
_atom_site.Cartn_x 
_atom_site.Cartn_y 
_atom_site.Cartn_z 
_atom_site.occupancy 
_atom_site.B_iso_or_equiv 
_atom_site.pdbx_formal_charge 
_atom_site.auth_seq_id 
_atom_site.auth_comp_id 
_atom_site.auth_asym_id 
_atom_site.auth_atom_id 
_atom_site.pdbx_PDB_model_num 
ATOM   1   O "O5'" . DC  A 1 1  ? -2.240  14.850  13.966  1.00 30.58 ? 1  DC  A "O5'" 1 
ATOM   2   C "C5'" . DC  A 1 1  ? -1.394  14.391  15.037  1.00 18.00 ? 1  DC  A "C5'" 1 
ATOM   3   C "C4'" . DC  A 1 1  ? -1.444  12.877  14.974  1.00 20.22 ? 1  DC  A "C4'" 1 
ATOM   4   O "O4'" . DC  A 1 1  ? -2.723  12.296  15.067  1.00 11.88 ? 1  DC  A "O4'" 1 
ATOM   5   C "C3'" . DC  A 1 1  ? -0.955  12.324  13.633  1.00 19.77 ? 1  DC  A "C3'" 1 
ATOM   6   O "O3'" . DC  A 1 1  ? -0.389  11.071  13.880  1.00 26.85 ? 1  DC  A "O3'" 1 
ATOM   7   C "C2'" . DC  A 1 1  ? -2.291  12.253  12.886  1.00 12.33 ? 1  DC  A "C2'" 1 
ATOM   8   C "C1'" . DC  A 1 1  ? -2.911  11.374  13.962  1.00 2.35  ? 1  DC  A "C1'" 1 
ATOM   9   N N1    . DC  A 1 1  ? -4.296  11.052  13.618  1.00 12.55 ? 1  DC  A N1    1 
ATOM   10  C C2    . DC  A 1 1  ? -4.974  10.056  14.324  1.00 5.61  ? 1  DC  A C2    1 
ATOM   11  O O2    . DC  A 1 1  ? -4.403  9.402   15.207  1.00 5.47  ? 1  DC  A O2    1 
ATOM   12  N N3    . DC  A 1 1  ? -6.254  9.792   13.988  1.00 2.00  ? 1  DC  A N3    1 
ATOM   13  C C4    . DC  A 1 1  ? -6.891  10.447  13.015  1.00 4.99  ? 1  DC  A C4    1 
ATOM   14  N N4    . DC  A 1 1  ? -8.164  10.173  12.672  1.00 5.48  ? 1  DC  A N4    1 
ATOM   15  C C5    . DC  A 1 1  ? -6.200  11.465  12.304  1.00 6.51  ? 1  DC  A C5    1 
ATOM   16  C C6    . DC  A 1 1  ? -4.948  11.755  12.648  1.00 2.22  ? 1  DC  A C6    1 
ATOM   17  P P     . DG  A 1 2  ? 1.192   10.856  14.067  1.00 31.14 ? 2  DG  A P     1 
ATOM   18  O OP1   . DG  A 1 2  ? 1.856   12.083  14.586  1.00 32.20 ? 2  DG  A OP1   1 
ATOM   19  O OP2   . DG  A 1 2  ? 1.584   10.637  12.606  1.00 33.33 ? 2  DG  A OP2   1 
ATOM   20  O "O5'" . DG  A 1 2  ? 1.247   9.634   14.991  1.00 32.06 ? 2  DG  A "O5'" 1 
ATOM   21  C "C5'" . DG  A 1 2  ? 1.063   8.850   16.166  1.00 26.18 ? 2  DG  A "C5'" 1 
ATOM   22  C "C4'" . DG  A 1 2  ? 0.477   7.526   15.732  1.00 22.38 ? 2  DG  A "C4'" 1 
ATOM   23  O "O4'" . DG  A 1 2  ? -0.758  7.728   15.091  1.00 23.39 ? 2  DG  A "O4'" 1 
ATOM   24  C "C3'" . DG  A 1 2  ? 1.298   6.728   14.728  1.00 20.78 ? 2  DG  A "C3'" 1 
ATOM   25  O "O3'" . DG  A 1 2  ? 1.826   5.546   15.307  1.00 23.23 ? 2  DG  A "O3'" 1 
ATOM   26  C "C2'" . DG  A 1 2  ? 0.328   6.380   13.601  1.00 17.79 ? 2  DG  A "C2'" 1 
ATOM   27  C "C1'" . DG  A 1 2  ? -1.006  6.552   14.263  1.00 14.90 ? 2  DG  A "C1'" 1 
ATOM   28  N N9    . DG  A 1 2  ? -2.069  6.903   13.336  1.00 12.95 ? 2  DG  A N9    1 
ATOM   29  C C8    . DG  A 1 2  ? -1.991  7.918   12.419  1.00 7.10  ? 2  DG  A C8    1 
ATOM   30  N N7    . DG  A 1 2  ? -3.085  8.098   11.721  1.00 10.14 ? 2  DG  A N7    1 
ATOM   31  C C5    . DG  A 1 2  ? -3.932  7.100   12.207  1.00 6.74  ? 2  DG  A C5    1 
ATOM   32  C C6    . DG  A 1 2  ? -5.253  6.760   11.851  1.00 4.53  ? 2  DG  A C6    1 
ATOM   33  O O6    . DG  A 1 2  ? -5.901  7.299   10.963  1.00 10.08 ? 2  DG  A O6    1 
ATOM   34  N N1    . DG  A 1 2  ? -5.771  5.715   12.574  1.00 5.78  ? 2  DG  A N1    1 
ATOM   35  C C2    . DG  A 1 2  ? -5.072  5.030   13.496  1.00 2.00  ? 2  DG  A C2    1 
ATOM   36  N N2    . DG  A 1 2  ? -5.712  3.995   14.028  1.00 2.00  ? 2  DG  A N2    1 
ATOM   37  N N3    . DG  A 1 2  ? -3.837  5.321   13.872  1.00 8.46  ? 2  DG  A N3    1 
ATOM   38  C C4    . DG  A 1 2  ? -3.328  6.374   13.203  1.00 8.17  ? 2  DG  A C4    1 
ATOM   39  P P     . DC  A 1 3  ? 2.684   4.478   14.474  1.00 24.67 ? 3  DC  A P     1 
ATOM   40  O OP1   . DC  A 1 3  ? 3.605   3.918   15.609  1.00 30.17 ? 3  DC  A OP1   1 
ATOM   41  O OP2   . DC  A 1 3  ? 3.454   5.140   13.436  1.00 26.23 ? 3  DC  A OP2   1 
ATOM   42  O "O5'" . DC  A 1 3  ? 1.716   3.362   13.965  1.00 15.59 ? 3  DC  A "O5'" 1 
ATOM   43  C "C5'" . DC  A 1 3  ? 1.073   2.579   14.978  1.00 10.19 ? 3  DC  A "C5'" 1 
ATOM   44  C "C4'" . DC  A 1 3  ? -0.093  1.824   14.383  1.00 7.68  ? 3  DC  A "C4'" 1 
ATOM   45  O "O4'" . DC  A 1 3  ? -1.073  2.661   13.803  1.00 11.22 ? 3  DC  A "O4'" 1 
ATOM   46  C "C3'" . DC  A 1 3  ? 0.314   0.871   13.276  1.00 5.80  ? 3  DC  A "C3'" 1 
ATOM   47  O "O3'" . DC  A 1 3  ? 0.493   -0.409  13.842  1.00 16.89 ? 3  DC  A "O3'" 1 
ATOM   48  C "C2'" . DC  A 1 3  ? -0.844  0.857   12.288  1.00 13.97 ? 3  DC  A "C2'" 1 
ATOM   49  C "C1'" . DC  A 1 3  ? -1.730  1.987   12.699  1.00 6.88  ? 3  DC  A "C1'" 1 
ATOM   50  N N1    . DC  A 1 3  ? -1.874  3.001   11.651  1.00 3.96  ? 3  DC  A N1    1 
ATOM   51  C C2    . DC  A 1 3  ? -3.111  3.190   11.088  1.00 2.00  ? 3  DC  A C2    1 
ATOM   52  O O2    . DC  A 1 3  ? -4.038  2.447   11.371  1.00 7.43  ? 3  DC  A O2    1 
ATOM   53  N N3    . DC  A 1 3  ? -3.256  4.168   10.159  1.00 2.00  ? 3  DC  A N3    1 
ATOM   54  C C4    . DC  A 1 3  ? -2.241  4.974   9.780   1.00 5.63  ? 3  DC  A C4    1 
ATOM   55  N N4    . DC  A 1 3  ? -2.478  5.929   8.868   1.00 2.00  ? 3  DC  A N4    1 
ATOM   56  C C5    . DC  A 1 3  ? -0.954  4.772   10.358  1.00 7.76  ? 3  DC  A C5    1 
ATOM   57  C C6    . DC  A 1 3  ? -0.822  3.792   11.279  1.00 6.84  ? 3  DC  A C6    1 
ATOM   58  P P     . DI  A 1 4  ? 1.099   -1.698  12.975  1.00 15.92 ? 4  DI  A P     1 
ATOM   59  O OP1   . DI  A 1 4  ? 1.503   -2.574  14.048  1.00 21.33 ? 4  DI  A OP1   1 
ATOM   60  O OP2   . DI  A 1 4  ? 2.013   -0.836  12.135  1.00 20.67 ? 4  DI  A OP2   1 
ATOM   61  O "O5'" . DI  A 1 4  ? -0.136  -2.230  12.171  1.00 17.67 ? 4  DI  A "O5'" 1 
ATOM   62  C "C5'" . DI  A 1 4  ? -1.182  -2.687  13.095  1.00 21.84 ? 4  DI  A "C5'" 1 
ATOM   63  C "C4'" . DI  A 1 4  ? -2.239  -3.141  12.116  1.00 14.80 ? 4  DI  A "C4'" 1 
ATOM   64  O "O4'" . DI  A 1 4  ? -2.643  -2.131  11.240  1.00 13.39 ? 4  DI  A "O4'" 1 
ATOM   65  C "C3'" . DI  A 1 4  ? -1.710  -4.250  11.204  1.00 15.73 ? 4  DI  A "C3'" 1 
ATOM   66  O "O3'" . DI  A 1 4  ? -2.791  -5.150  10.980  1.00 24.34 ? 4  DI  A "O3'" 1 
ATOM   67  C "C2'" . DI  A 1 4  ? -1.209  -3.471  10.011  1.00 12.94 ? 4  DI  A "C2'" 1 
ATOM   68  C "C1'" . DI  A 1 4  ? -2.308  -2.443  9.873   1.00 9.63  ? 4  DI  A "C1'" 1 
ATOM   69  N N9    . DI  A 1 4  ? -1.954  -1.135  9.289   1.00 6.79  ? 4  DI  A N9    1 
ATOM   70  C C8    . DI  A 1 4  ? -0.775  -0.434  9.327   1.00 2.00  ? 4  DI  A C8    1 
ATOM   71  N N7    . DI  A 1 4  ? -0.848  0.753   8.767   1.00 8.45  ? 4  DI  A N7    1 
ATOM   72  C C5    . DI  A 1 4  ? -2.168  0.826   8.320   1.00 5.25  ? 4  DI  A C5    1 
ATOM   73  C C6    . DI  A 1 4  ? -2.861  1.834   7.623   1.00 2.00  ? 4  DI  A C6    1 
ATOM   74  O O6    . DI  A 1 4  ? -2.455  2.935   7.286   1.00 5.88  ? 4  DI  A O6    1 
ATOM   75  N N1    . DI  A 1 4  ? -4.153  1.519   7.353   1.00 7.19  ? 4  DI  A N1    1 
ATOM   76  C C2    . DI  A 1 4  ? -4.739  0.367   7.772   1.00 8.16  ? 4  DI  A C2    1 
ATOM   77  N N3    . DI  A 1 4  ? -4.158  -0.616  8.425   1.00 3.74  ? 4  DI  A N3    1 
ATOM   78  C C4    . DI  A 1 4  ? -2.863  -0.316  8.655   1.00 6.16  ? 4  DI  A C4    1 
ATOM   79  P P     . DA  A 1 5  ? -2.673  -6.483  10.213  1.00 31.25 ? 5  DA  A P     1 
ATOM   80  O OP1   . DA  A 1 5  ? -3.262  -7.629  10.937  1.00 36.41 ? 5  DA  A OP1   1 
ATOM   81  O OP2   . DA  A 1 5  ? -1.236  -6.591  9.788   1.00 34.08 ? 5  DA  A OP2   1 
ATOM   82  O "O5'" . DA  A 1 5  ? -3.646  -6.228  8.872   1.00 31.26 ? 5  DA  A "O5'" 1 
ATOM   83  C "C5'" . DA  A 1 5  ? -5.025  -6.009  9.308   1.00 19.12 ? 5  DA  A "C5'" 1 
ATOM   84  C "C4'" . DA  A 1 5  ? -5.672  -5.360  8.103   1.00 21.43 ? 5  DA  A "C4'" 1 
ATOM   85  O "O4'" . DA  A 1 5  ? -5.005  -4.166  7.721   1.00 22.26 ? 5  DA  A "O4'" 1 
ATOM   86  C "C3'" . DA  A 1 5  ? -5.654  -6.224  6.845   1.00 23.91 ? 5  DA  A "C3'" 1 
ATOM   87  O "O3'" . DA  A 1 5  ? -6.975  -6.258  6.267   1.00 13.20 ? 5  DA  A "O3'" 1 
ATOM   88  C "C2'" . DA  A 1 5  ? -4.548  -5.601  5.974   1.00 15.13 ? 5  DA  A "C2'" 1 
ATOM   89  C "C1'" . DA  A 1 5  ? -4.721  -4.143  6.294   1.00 14.15 ? 5  DA  A "C1'" 1 
ATOM   90  N N9    . DA  A 1 5  ? -3.558  -3.254  6.116   1.00 10.76 ? 5  DA  A N9    1 
ATOM   91  C C8    . DA  A 1 5  ? -2.279  -3.444  6.575   1.00 7.78  ? 5  DA  A C8    1 
ATOM   92  N N7    . DA  A 1 5  ? -1.477  -2.432  6.354   1.00 9.05  ? 5  DA  A N7    1 
ATOM   93  C C5    . DA  A 1 5  ? -2.289  -1.493  5.724   1.00 4.09  ? 5  DA  A C5    1 
ATOM   94  C C6    . DA  A 1 5  ? -2.008  -0.207  5.238   1.00 2.02  ? 5  DA  A C6    1 
ATOM   95  N N6    . DA  A 1 5  ? -0.833  0.403   5.325   1.00 5.92  ? 5  DA  A N6    1 
ATOM   96  N N1    . DA  A 1 5  ? -3.052  0.411   4.637   1.00 3.93  ? 5  DA  A N1    1 
ATOM   97  C C2    . DA  A 1 5  ? -4.297  -0.150  4.604   1.00 5.09  ? 5  DA  A C2    1 
ATOM   98  N N3    . DA  A 1 5  ? -4.635  -1.354  5.063   1.00 6.36  ? 5  DA  A N3    1 
ATOM   99  C C4    . DA  A 1 5  ? -3.567  -1.984  5.583   1.00 3.26  ? 5  DA  A C4    1 
ATOM   100 P P     . DA  A 1 6  ? -7.097  -6.868  4.806   1.00 18.02 ? 6  DA  A P     1 
ATOM   101 O OP1   . DA  A 1 6  ? -8.485  -7.506  4.774   1.00 13.66 ? 6  DA  A OP1   1 
ATOM   102 O OP2   . DA  A 1 6  ? -5.893  -7.717  4.634   1.00 18.08 ? 6  DA  A OP2   1 
ATOM   103 O "O5'" . DA  A 1 6  ? -7.182  -5.726  3.707   1.00 14.52 ? 6  DA  A "O5'" 1 
ATOM   104 C "C5'" . DA  A 1 6  ? -8.357  -4.865  3.741   1.00 11.56 ? 6  DA  A "C5'" 1 
ATOM   105 C "C4'" . DA  A 1 6  ? -8.105  -4.020  2.503   1.00 7.76  ? 6  DA  A "C4'" 1 
ATOM   106 O "O4'" . DA  A 1 6  ? -6.863  -3.406  2.706   1.00 13.34 ? 6  DA  A "O4'" 1 
ATOM   107 C "C3'" . DA  A 1 6  ? -7.997  -4.804  1.197   1.00 10.22 ? 6  DA  A "C3'" 1 
ATOM   108 O "O3'" . DA  A 1 6  ? -8.728  -4.158  0.176   1.00 8.63  ? 6  DA  A "O3'" 1 
ATOM   109 C "C2'" . DA  A 1 6  ? -6.473  -4.875  0.967   1.00 9.79  ? 6  DA  A "C2'" 1 
ATOM   110 C "C1'" . DA  A 1 6  ? -6.063  -3.536  1.517   1.00 5.72  ? 6  DA  A "C1'" 1 
ATOM   111 N N9    . DA  A 1 6  ? -4.642  -3.378  1.862   1.00 8.54  ? 6  DA  A N9    1 
ATOM   112 C C8    . DA  A 1 6  ? -3.761  -4.268  2.425   1.00 2.24  ? 6  DA  A C8    1 
ATOM   113 N N7    . DA  A 1 6  ? -2.547  -3.768  2.536   1.00 8.83  ? 6  DA  A N7    1 
ATOM   114 C C5    . DA  A 1 6  ? -2.647  -2.456  2.037   1.00 2.00  ? 6  DA  A C5    1 
ATOM   115 C C6    . DA  A 1 6  ? -1.681  -1.440  1.907   1.00 5.84  ? 6  DA  A C6    1 
ATOM   116 N N6    . DA  A 1 6  ? -0.427  -1.560  2.345   1.00 2.00  ? 6  DA  A N6    1 
ATOM   117 N N1    . DA  A 1 6  ? -2.139  -0.253  1.353   1.00 4.83  ? 6  DA  A N1    1 
ATOM   118 C C2    . DA  A 1 6  ? -3.436  -0.091  0.986   1.00 2.00  ? 6  DA  A C2    1 
ATOM   119 N N3    . DA  A 1 6  ? -4.382  -1.052  1.069   1.00 2.00  ? 6  DA  A N3    1 
ATOM   120 C C4    . DA  A 1 6  ? -3.929  -2.190  1.629   1.00 2.00  ? 6  DA  A C4    1 
ATOM   121 P P     . DT  A 1 7  ? -9.162  -4.460  -1.300  1.00 21.34 ? 7  DT  A P     1 
ATOM   122 O OP1   . DT  A 1 7  ? -10.564 -4.076  -1.627  1.00 12.28 ? 7  DT  A OP1   1 
ATOM   123 O OP2   . DT  A 1 7  ? -8.925  -5.930  -1.561  1.00 18.40 ? 7  DT  A OP2   1 
ATOM   124 O "O5'" . DT  A 1 7  ? -8.115  -3.582  -2.140  1.00 8.23  ? 7  DT  A "O5'" 1 
ATOM   125 C "C5'" . DT  A 1 7  ? -8.275  -2.154  -1.884  1.00 3.81  ? 7  DT  A "C5'" 1 
ATOM   126 C "C4'" . DT  A 1 7  ? -7.000  -1.592  -2.469  1.00 2.19  ? 7  DT  A "C4'" 1 
ATOM   127 O "O4'" . DT  A 1 7  ? -5.830  -2.068  -1.872  1.00 8.50  ? 7  DT  A "O4'" 1 
ATOM   128 C "C3'" . DT  A 1 7  ? -6.917  -2.047  -3.941  1.00 2.33  ? 7  DT  A "C3'" 1 
ATOM   129 O "O3'" . DT  A 1 7  ? -7.402  -0.981  -4.695  1.00 8.84  ? 7  DT  A "O3'" 1 
ATOM   130 C "C2'" . DT  A 1 7  ? -5.472  -2.429  -4.151  1.00 2.00  ? 7  DT  A "C2'" 1 
ATOM   131 C "C1'" . DT  A 1 7  ? -4.824  -1.878  -2.909  1.00 3.04  ? 7  DT  A "C1'" 1 
ATOM   132 N N1    . DT  A 1 7  ? -3.654  -2.512  -2.312  1.00 3.17  ? 7  DT  A N1    1 
ATOM   133 C C2    . DT  A 1 7  ? -2.565  -1.676  -2.114  1.00 2.46  ? 7  DT  A C2    1 
ATOM   134 O O2    . DT  A 1 7  ? -2.620  -0.522  -2.528  1.00 2.00  ? 7  DT  A O2    1 
ATOM   135 N N3    . DT  A 1 7  ? -1.464  -2.205  -1.480  1.00 4.69  ? 7  DT  A N3    1 
ATOM   136 C C4    . DT  A 1 7  ? -1.420  -3.499  -1.057  1.00 4.41  ? 7  DT  A C4    1 
ATOM   137 O O4    . DT  A 1 7  ? -0.377  -3.966  -0.487  1.00 6.28  ? 7  DT  A O4    1 
ATOM   138 C C5    . DT  A 1 7  ? -2.558  -4.321  -1.241  1.00 2.00  ? 7  DT  A C5    1 
ATOM   139 C C7    . DT  A 1 7  ? -2.488  -5.734  -0.753  1.00 4.84  ? 7  DT  A C7    1 
ATOM   140 C C6    . DT  A 1 7  ? -3.646  -3.797  -1.834  1.00 4.92  ? 7  DT  A C6    1 
ATOM   141 P P     . DT  A 1 8  ? -7.353  -1.135  -6.206  1.00 22.98 ? 8  DT  A P     1 
ATOM   142 O OP1   . DT  A 1 8  ? -8.420  -0.238  -6.765  1.00 14.01 ? 8  DT  A OP1   1 
ATOM   143 O OP2   . DT  A 1 8  ? -7.253  -2.483  -6.731  1.00 16.59 ? 8  DT  A OP2   1 
ATOM   144 O "O5'" . DT  A 1 8  ? -5.817  -0.497  -6.560  1.00 14.01 ? 8  DT  A "O5'" 1 
ATOM   145 C "C5'" . DT  A 1 8  ? -5.691  0.894   -6.269  1.00 10.90 ? 8  DT  A "C5'" 1 
ATOM   146 C "C4'" . DT  A 1 8  ? -4.260  1.248   -6.605  1.00 8.82  ? 8  DT  A "C4'" 1 
ATOM   147 O "O4'" . DT  A 1 8  ? -3.459  0.391   -5.839  1.00 11.60 ? 8  DT  A "O4'" 1 
ATOM   148 C "C3'" . DT  A 1 8  ? -3.839  1.018   -8.061  1.00 10.20 ? 8  DT  A "C3'" 1 
ATOM   149 O "O3'" . DT  A 1 8  ? -3.397  2.232   -8.636  1.00 19.06 ? 8  DT  A "O3'" 1 
ATOM   150 C "C2'" . DT  A 1 8  ? -2.784  -0.069  -7.958  1.00 4.12  ? 8  DT  A "C2'" 1 
ATOM   151 C "C1'" . DT  A 1 8  ? -2.234  0.172   -6.560  1.00 3.51  ? 8  DT  A "C1'" 1 
ATOM   152 N N1    . DT  A 1 8  ? -1.619  -0.985  -5.948  1.00 7.89  ? 8  DT  A N1    1 
ATOM   153 C C2    . DT  A 1 8  ? -0.359  -0.902  -5.400  1.00 9.94  ? 8  DT  A C2    1 
ATOM   154 O O2    . DT  A 1 8  ? 0.271   0.136   -5.432  1.00 9.21  ? 8  DT  A O2    1 
ATOM   155 N N3    . DT  A 1 8  ? 0.143   -2.023  -4.795  1.00 9.76  ? 8  DT  A N3    1 
ATOM   156 C C4    . DT  A 1 8  ? -0.520  -3.205  -4.756  1.00 8.77  ? 8  DT  A C4    1 
ATOM   157 O O4    . DT  A 1 8  ? 0.050   -4.178  -4.183  1.00 9.51  ? 8  DT  A O4    1 
ATOM   158 C C5    . DT  A 1 8  ? -1.825  -3.274  -5.317  1.00 9.47  ? 8  DT  A C5    1 
ATOM   159 C C7    . DT  A 1 8  ? -2.615  -4.562  -5.280  1.00 9.48  ? 8  DT  A C7    1 
ATOM   160 C C6    . DT  A 1 8  ? -2.339  -2.166  -5.879  1.00 7.30  ? 8  DT  A C6    1 
ATOM   161 P P     . DC  A 1 9  ? -2.816  2.472   -10.148 1.00 31.11 ? 9  DC  A P     1 
ATOM   162 O OP1   . DC  A 1 9  ? -3.214  3.855   -10.495 1.00 21.06 ? 9  DC  A OP1   1 
ATOM   163 O OP2   . DC  A 1 9  ? -3.317  1.383   -10.960 1.00 21.78 ? 9  DC  A OP2   1 
ATOM   164 O "O5'" . DC  A 1 9  ? -1.220  2.403   -9.776  1.00 23.44 ? 9  DC  A "O5'" 1 
ATOM   165 C "C5'" . DC  A 1 9  ? -0.878  3.495   -8.866  1.00 20.29 ? 9  DC  A "C5'" 1 
ATOM   166 C "C4'" . DC  A 1 9  ? 0.619   3.453   -8.654  1.00 20.70 ? 9  DC  A "C4'" 1 
ATOM   167 O "O4'" . DC  A 1 9  ? 1.137   2.312   -7.998  1.00 21.70 ? 9  DC  A "O4'" 1 
ATOM   168 C "C3'" . DC  A 1 9  ? 1.305   3.544   -10.028 1.00 22.73 ? 9  DC  A "C3'" 1 
ATOM   169 O "O3'" . DC  A 1 9  ? 2.450   4.399   -10.056 1.00 29.86 ? 9  DC  A "O3'" 1 
ATOM   170 C "C2'" . DC  A 1 9  ? 1.623   2.069   -10.297 1.00 20.20 ? 9  DC  A "C2'" 1 
ATOM   171 C "C1'" . DC  A 1 9  ? 2.000   1.574   -8.911  1.00 17.90 ? 9  DC  A "C1'" 1 
ATOM   172 N N1    . DC  A 1 9  ? 1.788   0.142   -8.706  1.00 15.18 ? 9  DC  A N1    1 
ATOM   173 C C2    . DC  A 1 9  ? 2.709   -0.525  -7.918  1.00 14.61 ? 9  DC  A C2    1 
ATOM   174 O O2    . DC  A 1 9  ? 3.690   0.038   -7.430  1.00 16.53 ? 9  DC  A O2    1 
ATOM   175 N N3    . DC  A 1 9  ? 2.482   -1.850  -7.664  1.00 16.11 ? 9  DC  A N3    1 
ATOM   176 C C4    . DC  A 1 9  ? 1.410   -2.513  -8.177  1.00 15.96 ? 9  DC  A C4    1 
ATOM   177 N N4    . DC  A 1 9  ? 1.309   -3.808  -7.905  1.00 18.04 ? 9  DC  A N4    1 
ATOM   178 C C5    . DC  A 1 9  ? 0.471   -1.830  -8.983  1.00 13.98 ? 9  DC  A C5    1 
ATOM   179 C C6    . DC  A 1 9  ? 0.699   -0.522  -9.203  1.00 17.68 ? 9  DC  A C6    1 
ATOM   180 P P     . DG  A 1 10 ? 3.102   4.870   -11.449 1.00 30.74 ? 10 DG  A P     1 
ATOM   181 O OP1   . DG  A 1 10 ? 3.690   6.218   -11.141 1.00 23.62 ? 10 DG  A OP1   1 
ATOM   182 O OP2   . DG  A 1 10 ? 2.131   4.711   -12.537 1.00 25.59 ? 10 DG  A OP2   1 
ATOM   183 O "O5'" . DG  A 1 10 ? 4.376   3.859   -11.650 1.00 26.07 ? 10 DG  A "O5'" 1 
ATOM   184 C "C5'" . DG  A 1 10 ? 5.471   3.957   -10.706 1.00 26.41 ? 10 DG  A "C5'" 1 
ATOM   185 C "C4'" . DG  A 1 10 ? 6.275   2.708   -11.008 1.00 26.75 ? 10 DG  A "C4'" 1 
ATOM   186 O "O4'" . DG  A 1 10 ? 5.538   1.542   -10.747 1.00 25.00 ? 10 DG  A "O4'" 1 
ATOM   187 C "C3'" . DG  A 1 10 ? 6.715   2.623   -12.473 1.00 30.72 ? 10 DG  A "C3'" 1 
ATOM   188 O "O3'" . DG  A 1 10 ? 7.999   2.024   -12.639 1.00 36.70 ? 10 DG  A "O3'" 1 
ATOM   189 C "C2'" . DG  A 1 10 ? 5.588   1.756   -13.078 1.00 19.87 ? 10 DG  A "C2'" 1 
ATOM   190 C "C1'" . DG  A 1 10 ? 5.663   0.729   -11.960 1.00 20.10 ? 10 DG  A "C1'" 1 
ATOM   191 N N9    . DG  A 1 10 ? 4.651   -0.323  -11.999 1.00 21.27 ? 10 DG  A N9    1 
ATOM   192 C C8    . DG  A 1 10 ? 3.439   -0.424  -12.625 1.00 19.90 ? 10 DG  A C8    1 
ATOM   193 N N7    . DG  A 1 10 ? 2.793   -1.538  -12.371 1.00 15.74 ? 10 DG  A N7    1 
ATOM   194 C C5    . DG  A 1 10 ? 3.648   -2.239  -11.522 1.00 11.15 ? 10 DG  A C5    1 
ATOM   195 C C6    . DG  A 1 10 ? 3.547   -3.505  -10.920 1.00 13.12 ? 10 DG  A C6    1 
ATOM   196 O O6    . DG  A 1 10 ? 2.626   -4.330  -11.014 1.00 12.39 ? 10 DG  A O6    1 
ATOM   197 N N1    . DG  A 1 10 ? 4.628   -3.821  -10.157 1.00 14.13 ? 10 DG  A N1    1 
ATOM   198 C C2    . DG  A 1 10 ? 5.691   -3.021  -9.947  1.00 9.75  ? 10 DG  A C2    1 
ATOM   199 N N2    . DG  A 1 10 ? 6.669   -3.427  -9.130  1.00 6.84  ? 10 DG  A N2    1 
ATOM   200 N N3    . DG  A 1 10 ? 5.814   -1.828  -10.482 1.00 19.02 ? 10 DG  A N3    1 
ATOM   201 C C4    . DG  A 1 10 ? 4.771   -1.504  -11.279 1.00 15.80 ? 10 DG  A C4    1 
ATOM   202 P P     . DC  A 1 11 ? 9.286   2.798   -13.305 1.00 38.67 ? 11 DC  A P     1 
ATOM   203 O OP1   . DC  A 1 11 ? 9.136   4.257   -12.874 1.00 37.01 ? 11 DC  A OP1   1 
ATOM   204 O OP2   . DC  A 1 11 ? 9.132   2.623   -14.763 1.00 29.23 ? 11 DC  A OP2   1 
ATOM   205 O "O5'" . DC  A 1 11 ? 10.481  2.148   -12.527 1.00 26.30 ? 11 DC  A "O5'" 1 
ATOM   206 C "C5'" . DC  A 1 11 ? 10.469  2.431   -11.098 1.00 20.52 ? 11 DC  A "C5'" 1 
ATOM   207 C "C4'" . DC  A 1 11 ? 10.765  1.042   -10.539 1.00 21.44 ? 11 DC  A "C4'" 1 
ATOM   208 O "O4'" . DC  A 1 11 ? 9.741   0.142   -10.951 1.00 17.83 ? 11 DC  A "O4'" 1 
ATOM   209 C "C3'" . DC  A 1 11 ? 12.068  0.433   -10.987 1.00 16.45 ? 11 DC  A "C3'" 1 
ATOM   210 O "O3'" . DC  A 1 11 ? 12.815  -0.140  -9.905  1.00 26.67 ? 11 DC  A "O3'" 1 
ATOM   211 C "C2'" . DC  A 1 11 ? 11.610  -0.638  -11.984 1.00 18.54 ? 11 DC  A "C2'" 1 
ATOM   212 C "C1'" . DC  A 1 11 ? 10.357  -1.112  -11.324 1.00 6.47  ? 11 DC  A "C1'" 1 
ATOM   213 N N1    . DC  A 1 11 ? 9.319   -1.717  -12.136 1.00 4.28  ? 11 DC  A N1    1 
ATOM   214 C C2    . DC  A 1 11 ? 8.866   -2.976  -11.813 1.00 3.20  ? 11 DC  A C2    1 
ATOM   215 O O2    . DC  A 1 11 ? 9.413   -3.610  -10.911 1.00 10.12 ? 11 DC  A O2    1 
ATOM   216 N N3    . DC  A 1 11 ? 7.885   -3.504  -12.561 1.00 2.00  ? 11 DC  A N3    1 
ATOM   217 C C4    . DC  A 1 11 ? 7.288   -2.850  -13.587 1.00 4.86  ? 11 DC  A C4    1 
ATOM   218 N N4    . DC  A 1 11 ? 6.265   -3.417  -14.250 1.00 8.78  ? 11 DC  A N4    1 
ATOM   219 C C5    . DC  A 1 11 ? 7.722   -1.543  -13.914 1.00 9.91  ? 11 DC  A C5    1 
ATOM   220 C C6    . DC  A 1 11 ? 8.716   -1.016  -13.149 1.00 11.25 ? 11 DC  A C6    1 
ATOM   221 P P     . DG  A 1 12 ? 14.286  -0.493  -10.365 1.00 38.58 ? 12 DG  A P     1 
ATOM   222 O OP1   . DG  A 1 12 ? 15.222  -0.167  -9.149  1.00 27.24 ? 12 DG  A OP1   1 
ATOM   223 O OP2   . DG  A 1 12 ? 14.494  0.401   -11.555 1.00 33.13 ? 12 DG  A OP2   1 
ATOM   224 O "O5'" . DG  A 1 12 ? 14.506  -2.013  -10.642 1.00 37.55 ? 12 DG  A "O5'" 1 
ATOM   225 C "C5'" . DG  A 1 12 ? 14.513  -3.232  -9.854  1.00 30.87 ? 12 DG  A "C5'" 1 
ATOM   226 C "C4'" . DG  A 1 12 ? 14.513  -4.340  -10.906 1.00 22.68 ? 12 DG  A "C4'" 1 
ATOM   227 O "O4'" . DG  A 1 12 ? 13.356  -4.314  -11.649 1.00 11.26 ? 12 DG  A "O4'" 1 
ATOM   228 C "C3'" . DG  A 1 12 ? 15.646  -4.264  -11.928 1.00 19.91 ? 12 DG  A "C3'" 1 
ATOM   229 O "O3'" . DG  A 1 12 ? 16.808  -5.018  -11.564 1.00 25.35 ? 12 DG  A "O3'" 1 
ATOM   230 C "C2'" . DG  A 1 12 ? 15.000  -4.776  -13.222 1.00 20.14 ? 12 DG  A "C2'" 1 
ATOM   231 C "C1'" . DG  A 1 12 ? 13.606  -5.109  -12.818 1.00 16.33 ? 12 DG  A "C1'" 1 
ATOM   232 N N9    . DG  A 1 12 ? 12.498  -4.689  -13.691 1.00 14.36 ? 12 DG  A N9    1 
ATOM   233 C C8    . DG  A 1 12 ? 12.256  -3.487  -14.283 1.00 13.61 ? 12 DG  A C8    1 
ATOM   234 N N7    . DG  A 1 12 ? 11.118  -3.434  -14.927 1.00 14.93 ? 12 DG  A N7    1 
ATOM   235 C C5    . DG  A 1 12 ? 10.556  -4.685  -14.692 1.00 15.78 ? 12 DG  A C5    1 
ATOM   236 C C6    . DG  A 1 12 ? 9.332   -5.268  -15.117 1.00 17.87 ? 12 DG  A C6    1 
ATOM   237 O O6    . DG  A 1 12 ? 8.485   -4.708  -15.818 1.00 20.76 ? 12 DG  A O6    1 
ATOM   238 N N1    . DG  A 1 12 ? 9.148   -6.557  -14.694 1.00 19.90 ? 12 DG  A N1    1 
ATOM   239 C C2    . DG  A 1 12 ? 10.042  -7.223  -13.915 1.00 18.25 ? 12 DG  A C2    1 
ATOM   240 N N2    . DG  A 1 12 ? 9.726   -8.480  -13.543 1.00 16.15 ? 12 DG  A N2    1 
ATOM   241 N N3    . DG  A 1 12 ? 11.187  -6.720  -13.483 1.00 18.64 ? 12 DG  A N3    1 
ATOM   242 C C4    . DG  A 1 12 ? 11.379  -5.452  -13.901 1.00 16.80 ? 12 DG  A C4    1 
ATOM   243 O "O5'" . DC  B 1 1  ? 2.072   -11.156 -18.037 1.00 49.48 ? 13 DC  B "O5'" 1 
ATOM   244 C "C5'" . DC  B 1 1  ? 2.786   -12.400 -18.043 1.00 46.88 ? 13 DC  B "C5'" 1 
ATOM   245 C "C4'" . DC  B 1 1  ? 3.789   -12.544 -16.919 1.00 43.58 ? 13 DC  B "C4'" 1 
ATOM   246 O "O4'" . DC  B 1 1  ? 4.836   -11.604 -16.941 1.00 42.85 ? 13 DC  B "O4'" 1 
ATOM   247 C "C3'" . DC  B 1 1  ? 3.142   -12.433 -15.530 1.00 41.95 ? 13 DC  B "C3'" 1 
ATOM   248 O "O3'" . DC  B 1 1  ? 3.414   -13.643 -14.830 1.00 42.05 ? 13 DC  B "O3'" 1 
ATOM   249 C "C2'" . DC  B 1 1  ? 3.742   -11.210 -14.882 1.00 40.01 ? 13 DC  B "C2'" 1 
ATOM   250 C "C1'" . DC  B 1 1  ? 5.022   -11.009 -15.634 1.00 37.77 ? 13 DC  B "C1'" 1 
ATOM   251 N N1    . DC  B 1 1  ? 5.301   -9.588  -15.881 1.00 35.95 ? 13 DC  B N1    1 
ATOM   252 C C2    . DC  B 1 1  ? 6.405   -9.001  -15.299 1.00 32.77 ? 13 DC  B C2    1 
ATOM   253 O O2    . DC  B 1 1  ? 7.126   -9.612  -14.536 1.00 30.46 ? 13 DC  B O2    1 
ATOM   254 N N3    . DC  B 1 1  ? 6.634   -7.692  -15.590 1.00 31.52 ? 13 DC  B N3    1 
ATOM   255 C C4    . DC  B 1 1  ? 5.842   -6.989  -16.443 1.00 29.87 ? 13 DC  B C4    1 
ATOM   256 N N4    . DC  B 1 1  ? 6.131   -5.712  -16.696 1.00 32.04 ? 13 DC  B N4    1 
ATOM   257 C C5    . DC  B 1 1  ? 4.731   -7.610  -17.059 1.00 32.22 ? 13 DC  B C5    1 
ATOM   258 C C6    . DC  B 1 1  ? 4.515   -8.902  -16.762 1.00 31.74 ? 13 DC  B C6    1 
ATOM   259 P P     . DG  B 1 2  ? 2.747   -13.840 -13.414 1.00 44.32 ? 14 DG  B P     1 
ATOM   260 O OP1   . DG  B 1 2  ? 2.531   -15.340 -13.273 1.00 46.45 ? 14 DG  B OP1   1 
ATOM   261 O OP2   . DG  B 1 2  ? 1.591   -12.990 -13.281 1.00 44.84 ? 14 DG  B OP2   1 
ATOM   262 O "O5'" . DG  B 1 2  ? 3.930   -13.352 -12.418 1.00 45.70 ? 14 DG  B "O5'" 1 
ATOM   263 C "C5'" . DG  B 1 2  ? 5.183   -14.079 -12.377 1.00 29.45 ? 14 DG  B "C5'" 1 
ATOM   264 C "C4'" . DG  B 1 2  ? 6.024   -13.246 -11.430 1.00 22.83 ? 14 DG  B "C4'" 1 
ATOM   265 O "O4'" . DG  B 1 2  ? 6.250   -11.938 -11.910 1.00 22.28 ? 14 DG  B "O4'" 1 
ATOM   266 C "C3'" . DG  B 1 2  ? 5.363   -13.120 -10.058 1.00 16.77 ? 14 DG  B "C3'" 1 
ATOM   267 O "O3'" . DG  B 1 2  ? 6.291   -13.488 -9.053  1.00 17.37 ? 14 DG  B "O3'" 1 
ATOM   268 C "C2'" . DG  B 1 2  ? 4.978   -11.656 -9.937  1.00 20.82 ? 14 DG  B "C2'" 1 
ATOM   269 C "C1'" . DG  B 1 2  ? 6.012   -11.007 -10.826 1.00 18.04 ? 14 DG  B "C1'" 1 
ATOM   270 N N9    . DG  B 1 2  ? 5.467   -9.773  -11.375 1.00 16.65 ? 14 DG  B N9    1 
ATOM   271 C C8    . DG  B 1 2  ? 4.246   -9.647  -11.978 1.00 16.74 ? 14 DG  B C8    1 
ATOM   272 N N7    . DG  B 1 2  ? 3.995   -8.449  -12.438 1.00 17.89 ? 14 DG  B N7    1 
ATOM   273 C C5    . DG  B 1 2  ? 5.174   -7.742  -12.123 1.00 17.97 ? 14 DG  B C5    1 
ATOM   274 C C6    . DG  B 1 2  ? 5.533   -6.378  -12.335 1.00 14.98 ? 14 DG  B C6    1 
ATOM   275 O O6    . DG  B 1 2  ? 4.845   -5.534  -12.934 1.00 15.47 ? 14 DG  B O6    1 
ATOM   276 N N1    . DG  B 1 2  ? 6.778   -6.061  -11.864 1.00 4.47  ? 14 DG  B N1    1 
ATOM   277 C C2    . DG  B 1 2  ? 7.590   -6.941  -11.275 1.00 6.27  ? 14 DG  B C2    1 
ATOM   278 N N2    . DG  B 1 2  ? 8.755   -6.422  -10.881 1.00 10.03 ? 14 DG  B N2    1 
ATOM   279 N N3    . DG  B 1 2  ? 7.314   -8.220  -11.052 1.00 11.71 ? 14 DG  B N3    1 
ATOM   280 C C4    . DG  B 1 2  ? 6.085   -8.549  -11.483 1.00 14.37 ? 14 DG  B C4    1 
ATOM   281 P P     . DC  B 1 3  ? 5.791   -13.532 -7.503  1.00 11.99 ? 15 DC  B P     1 
ATOM   282 O OP1   . DC  B 1 3  ? 6.370   -14.649 -6.879  1.00 14.51 ? 15 DC  B OP1   1 
ATOM   283 O OP2   . DC  B 1 3  ? 4.320   -13.333 -7.701  1.00 16.97 ? 15 DC  B OP2   1 
ATOM   284 O "O5'" . DC  B 1 3  ? 6.402   -12.168 -6.908  1.00 15.41 ? 15 DC  B "O5'" 1 
ATOM   285 C "C5'" . DC  B 1 3  ? 7.843   -12.023 -6.901  1.00 12.16 ? 15 DC  B "C5'" 1 
ATOM   286 C "C4'" . DC  B 1 3  ? 7.986   -10.510 -6.745  1.00 11.18 ? 15 DC  B "C4'" 1 
ATOM   287 O "O4'" . DC  B 1 3  ? 7.334   -9.833  -7.780  1.00 13.04 ? 15 DC  B "O4'" 1 
ATOM   288 C "C3'" . DC  B 1 3  ? 7.323   -9.984  -5.475  1.00 6.51  ? 15 DC  B "C3'" 1 
ATOM   289 O "O3'" . DC  B 1 3  ? 8.241   -10.130 -4.414  1.00 15.05 ? 15 DC  B "O3'" 1 
ATOM   290 C "C2'" . DC  B 1 3  ? 6.975   -8.537  -5.775  1.00 4.60  ? 15 DC  B "C2'" 1 
ATOM   291 C "C1'" . DC  B 1 3  ? 6.999   -8.521  -7.280  1.00 9.54  ? 15 DC  B "C1'" 1 
ATOM   292 N N1    . DC  B 1 3  ? 5.684   -8.122  -7.815  1.00 4.43  ? 15 DC  B N1    1 
ATOM   293 C C2    . DC  B 1 3  ? 5.621   -6.827  -8.313  1.00 9.04  ? 15 DC  B C2    1 
ATOM   294 O O2    . DC  B 1 3  ? 6.616   -6.097  -8.262  1.00 3.92  ? 15 DC  B O2    1 
ATOM   295 N N3    . DC  B 1 3  ? 4.414   -6.399  -8.801  1.00 7.80  ? 15 DC  B N3    1 
ATOM   296 C C4    . DC  B 1 3  ? 3.335   -7.215  -8.864  1.00 5.87  ? 15 DC  B C4    1 
ATOM   297 N N4    . DC  B 1 3  ? 2.218   -6.760  -9.417  1.00 9.37  ? 15 DC  B N4    1 
ATOM   298 C C5    . DC  B 1 3  ? 3.439   -8.549  -8.405  1.00 9.57  ? 15 DC  B C5    1 
ATOM   299 C C6    . DC  B 1 3  ? 4.616   -8.939  -7.874  1.00 8.17  ? 15 DC  B C6    1 
ATOM   300 P P     . DI  B 1 4  ? 8.099   -9.816  -2.845  1.00 14.66 ? 16 DI  B P     1 
ATOM   301 O OP1   . DI  B 1 4  ? 9.314   -10.403 -2.282  1.00 21.00 ? 16 DI  B OP1   1 
ATOM   302 O OP2   . DI  B 1 4  ? 6.794   -10.144 -2.403  1.00 12.79 ? 16 DI  B OP2   1 
ATOM   303 O "O5'" . DI  B 1 4  ? 8.403   -8.165  -2.850  1.00 16.61 ? 16 DI  B "O5'" 1 
ATOM   304 C "C5'" . DI  B 1 4  ? 9.765   -7.957  -3.281  1.00 6.10  ? 16 DI  B "C5'" 1 
ATOM   305 C "C4'" . DI  B 1 4  ? 9.952   -6.465  -3.228  1.00 2.00  ? 16 DI  B "C4'" 1 
ATOM   306 O "O4'" . DI  B 1 4  ? 9.019   -5.856  -4.047  1.00 7.33  ? 16 DI  B "O4'" 1 
ATOM   307 C "C3'" . DI  B 1 4  ? 9.711   -5.912  -1.832  1.00 7.81  ? 16 DI  B "C3'" 1 
ATOM   308 O "O3'" . DI  B 1 4  ? 10.442  -4.734  -1.608  1.00 20.28 ? 16 DI  B "O3'" 1 
ATOM   309 C "C2'" . DI  B 1 4  ? 8.202   -5.695  -1.860  1.00 8.54  ? 16 DI  B "C2'" 1 
ATOM   310 C "C1'" . DI  B 1 4  ? 8.027   -5.188  -3.280  1.00 11.44 ? 16 DI  B "C1'" 1 
ATOM   311 N N9    . DI  B 1 4  ? 6.680   -5.492  -3.756  1.00 6.91  ? 16 DI  B N9    1 
ATOM   312 C C8    . DI  B 1 4  ? 5.790   -6.416  -3.284  1.00 9.10  ? 16 DI  B C8    1 
ATOM   313 N N7    . DI  B 1 4  ? 4.620   -6.372  -3.895  1.00 12.02 ? 16 DI  B N7    1 
ATOM   314 C C5    . DI  B 1 4  ? 4.745   -5.313  -4.796  1.00 8.35  ? 16 DI  B C5    1 
ATOM   315 C C6    . DI  B 1 4  ? 3.868   -4.782  -5.755  1.00 13.32 ? 16 DI  B C6    1 
ATOM   316 O O6    . DI  B 1 4  ? 2.699   -5.121  -5.989  1.00 17.04 ? 16 DI  B O6    1 
ATOM   317 N N1    . DI  B 1 4  ? 4.376   -3.730  -6.469  1.00 12.59 ? 16 DI  B N1    1 
ATOM   318 C C2    . DI  B 1 4  ? 5.596   -3.213  -6.264  1.00 10.93 ? 16 DI  B C2    1 
ATOM   319 N N3    . DI  B 1 4  ? 6.481   -3.702  -5.395  1.00 19.35 ? 16 DI  B N3    1 
ATOM   320 C C4    . DI  B 1 4  ? 6.000   -4.764  -4.702  1.00 13.27 ? 16 DI  B C4    1 
ATOM   321 P P     . DA  B 1 5  ? 10.332  -3.695  -0.403  1.00 21.55 ? 17 DA  B P     1 
ATOM   322 O OP1   . DA  B 1 5  ? 11.718  -3.045  -0.268  1.00 24.30 ? 17 DA  B OP1   1 
ATOM   323 O OP2   . DA  B 1 5  ? 9.804   -4.317  0.715   1.00 16.84 ? 17 DA  B OP2   1 
ATOM   324 O "O5'" . DA  B 1 5  ? 9.506   -2.511  -1.231  1.00 28.64 ? 17 DA  B "O5'" 1 
ATOM   325 C "C5'" . DA  B 1 5  ? 10.416  -2.061  -2.292  1.00 19.23 ? 17 DA  B "C5'" 1 
ATOM   326 C "C4'" . DA  B 1 5  ? 9.729   -0.884  -2.947  1.00 21.52 ? 17 DA  B "C4'" 1 
ATOM   327 O "O4'" . DA  B 1 5  ? 8.447   -1.098  -3.506  1.00 16.37 ? 17 DA  B "O4'" 1 
ATOM   328 C "C3'" . DA  B 1 5  ? 9.439   0.226   -1.930  1.00 22.62 ? 17 DA  B "C3'" 1 
ATOM   329 O "O3'" . DA  B 1 5  ? 9.200   1.479   -2.549  1.00 24.89 ? 17 DA  B "O3'" 1 
ATOM   330 C "C2'" . DA  B 1 5  ? 8.179   -0.357  -1.292  1.00 24.38 ? 17 DA  B "C2'" 1 
ATOM   331 C "C1'" . DA  B 1 5  ? 7.443   -0.602  -2.623  1.00 15.98 ? 17 DA  B "C1'" 1 
ATOM   332 N N9    . DA  B 1 5  ? 6.347   -1.548  -2.377  1.00 14.20 ? 17 DA  B N9    1 
ATOM   333 C C8    . DA  B 1 5  ? 6.317   -2.617  -1.530  1.00 6.35  ? 17 DA  B C8    1 
ATOM   334 N N7    . DA  B 1 5  ? 5.168   -3.252  -1.532  1.00 14.45 ? 17 DA  B N7    1 
ATOM   335 C C5    . DA  B 1 5  ? 4.388   -2.543  -2.451  1.00 15.01 ? 17 DA  B C5    1 
ATOM   336 C C6    . DA  B 1 5  ? 3.054   -2.720  -2.895  1.00 11.59 ? 17 DA  B C6    1 
ATOM   337 N N6    . DA  B 1 5  ? 2.238   -3.691  -2.514  1.00 3.68  ? 17 DA  B N6    1 
ATOM   338 N N1    . DA  B 1 5  ? 2.640   -1.790  -3.805  1.00 13.59 ? 17 DA  B N1    1 
ATOM   339 C C2    . DA  B 1 5  ? 3.426   -0.782  -4.235  1.00 8.50  ? 17 DA  B C2    1 
ATOM   340 N N3    . DA  B 1 5  ? 4.675   -0.562  -3.865  1.00 12.78 ? 17 DA  B N3    1 
ATOM   341 C C4    . DA  B 1 5  ? 5.103   -1.486  -2.974  1.00 14.06 ? 17 DA  B C4    1 
ATOM   342 P P     . DA  B 1 6  ? 9.133   2.874   -1.698  1.00 25.32 ? 18 DA  B P     1 
ATOM   343 O OP1   . DA  B 1 6  ? 9.784   3.811   -2.735  1.00 20.21 ? 18 DA  B OP1   1 
ATOM   344 O OP2   . DA  B 1 6  ? 9.672   2.688   -0.419  1.00 18.32 ? 18 DA  B OP2   1 
ATOM   345 O "O5'" . DA  B 1 6  ? 7.533   3.177   -1.878  1.00 25.82 ? 18 DA  B "O5'" 1 
ATOM   346 C "C5'" . DA  B 1 6  ? 7.388   3.450   -3.331  1.00 23.30 ? 18 DA  B "C5'" 1 
ATOM   347 C "C4'" . DA  B 1 6  ? 5.890   3.739   -3.409  1.00 24.88 ? 18 DA  B "C4'" 1 
ATOM   348 O "O4'" . DA  B 1 6  ? 5.113   2.621   -3.156  1.00 18.92 ? 18 DA  B "O4'" 1 
ATOM   349 C "C3'" . DA  B 1 6  ? 5.598   4.865   -2.390  1.00 26.26 ? 18 DA  B "C3'" 1 
ATOM   350 O "O3'" . DA  B 1 6  ? 5.043   6.060   -2.933  1.00 22.73 ? 18 DA  B "O3'" 1 
ATOM   351 C "C2'" . DA  B 1 6  ? 4.687   4.160   -1.369  1.00 23.12 ? 18 DA  B "C2'" 1 
ATOM   352 C "C1'" . DA  B 1 6  ? 4.141   3.000   -2.146  1.00 17.76 ? 18 DA  B "C1'" 1 
ATOM   353 N N9    . DA  B 1 6  ? 3.908   1.806   -1.308  1.00 10.70 ? 18 DA  B N9    1 
ATOM   354 C C8    . DA  B 1 6  ? 4.659   1.245   -0.337  1.00 2.00  ? 18 DA  B C8    1 
ATOM   355 N N7    . DA  B 1 6  ? 4.102   0.173   0.173   1.00 9.79  ? 18 DA  B N7    1 
ATOM   356 C C5    . DA  B 1 6  ? 2.933   -0.007  -0.566  1.00 9.97  ? 18 DA  B C5    1 
ATOM   357 C C6    . DA  B 1 6  ? 1.925   -0.997  -0.520  1.00 9.80  ? 18 DA  B C6    1 
ATOM   358 N N6    . DA  B 1 6  ? 1.916   -2.043  0.306   1.00 7.49  ? 18 DA  B N6    1 
ATOM   359 N N1    . DA  B 1 6  ? 0.888   -0.807  -1.389  1.00 8.32  ? 18 DA  B N1    1 
ATOM   360 C C2    . DA  B 1 6  ? 0.840   0.250   -2.241  1.00 11.17 ? 18 DA  B C2    1 
ATOM   361 N N3    . DA  B 1 6  ? 1.769   1.202   -2.338  1.00 13.41 ? 18 DA  B N3    1 
ATOM   362 C C4    . DA  B 1 6  ? 2.793   1.005   -1.477  1.00 9.40  ? 18 DA  B C4    1 
ATOM   363 P P     . DT  B 1 7  ? 4.301   7.177   -2.099  1.00 26.73 ? 19 DT  B P     1 
ATOM   364 O OP1   . DT  B 1 7  ? 4.169   8.267   -3.204  1.00 23.65 ? 19 DT  B OP1   1 
ATOM   365 O OP2   . DT  B 1 7  ? 4.875   7.569   -0.865  1.00 21.15 ? 19 DT  B OP2   1 
ATOM   366 O "O5'" . DT  B 1 7  ? 2.756   6.599   -1.925  1.00 21.07 ? 19 DT  B "O5'" 1 
ATOM   367 C "C5'" . DT  B 1 7  ? 2.303   6.584   -3.338  1.00 21.18 ? 19 DT  B "C5'" 1 
ATOM   368 C "C4'" . DT  B 1 7  ? 0.865   6.150   -3.233  1.00 15.96 ? 19 DT  B "C4'" 1 
ATOM   369 O "O4'" . DT  B 1 7  ? 0.823   4.907   -2.575  1.00 20.95 ? 19 DT  B "O4'" 1 
ATOM   370 C "C3'" . DT  B 1 7  ? -0.006  7.076   -2.394  1.00 22.29 ? 19 DT  B "C3'" 1 
ATOM   371 O "O3'" . DT  B 1 7  ? -1.261  7.289   -3.026  1.00 25.39 ? 19 DT  B "O3'" 1 
ATOM   372 C "C2'" . DT  B 1 7  ? -0.100  6.356   -1.047  1.00 17.79 ? 19 DT  B "C2'" 1 
ATOM   373 C "C1'" . DT  B 1 7  ? -0.158  4.930   -1.532  1.00 9.41  ? 19 DT  B "C1'" 1 
ATOM   374 N N1    . DT  B 1 7  ? 0.203   3.949   -0.516  1.00 8.23  ? 19 DT  B N1    1 
ATOM   375 C C2    . DT  B 1 7  ? -0.701  2.926   -0.290  1.00 8.85  ? 19 DT  B C2    1 
ATOM   376 O O2    . DT  B 1 7  ? -1.762  2.859   -0.905  1.00 17.62 ? 19 DT  B O2    1 
ATOM   377 N N3    . DT  B 1 7  ? -0.387  1.967   0.634   1.00 5.84  ? 19 DT  B N3    1 
ATOM   378 C C4    . DT  B 1 7  ? 0.765   2.005   1.331   1.00 8.25  ? 19 DT  B C4    1 
ATOM   379 O O4    . DT  B 1 7  ? 0.903   1.053   2.152   1.00 5.02  ? 19 DT  B O4    1 
ATOM   380 C C5    . DT  B 1 7  ? 1.682   3.085   1.105   1.00 5.46  ? 19 DT  B C5    1 
ATOM   381 C C7    . DT  B 1 7  ? 2.999   3.151   1.824   1.00 6.58  ? 19 DT  B C7    1 
ATOM   382 C C6    . DT  B 1 7  ? 1.378   3.981   0.172   1.00 6.34  ? 19 DT  B C6    1 
ATOM   383 P P     . DT  B 1 8  ? -2.330  8.357   -2.440  1.00 25.67 ? 20 DT  B P     1 
ATOM   384 O OP1   . DT  B 1 8  ? -3.112  8.786   -3.720  1.00 22.39 ? 20 DT  B OP1   1 
ATOM   385 O OP2   . DT  B 1 8  ? -1.601  9.370   -1.795  1.00 30.85 ? 20 DT  B OP2   1 
ATOM   386 O "O5'" . DT  B 1 8  ? -3.311  7.457   -1.566  1.00 23.87 ? 20 DT  B "O5'" 1 
ATOM   387 C "C5'" . DT  B 1 8  ? -3.986  6.536   -2.500  1.00 21.11 ? 20 DT  B "C5'" 1 
ATOM   388 C "C4'" . DT  B 1 8  ? -4.751  5.617   -1.572  1.00 11.63 ? 20 DT  B "C4'" 1 
ATOM   389 O "O4'" . DT  B 1 8  ? -3.880  4.915   -0.722  1.00 12.33 ? 20 DT  B "O4'" 1 
ATOM   390 C "C3'" . DT  B 1 8  ? -5.698  6.431   -0.710  1.00 6.66  ? 20 DT  B "C3'" 1 
ATOM   391 O "O3'" . DT  B 1 8  ? -7.026  6.183   -1.113  1.00 14.17 ? 20 DT  B "O3'" 1 
ATOM   392 C "C2'" . DT  B 1 8  ? -5.395  5.966   0.709   1.00 13.37 ? 20 DT  B "C2'" 1 
ATOM   393 C "C1'" . DT  B 1 8  ? -4.646  4.691   0.489   1.00 10.09 ? 20 DT  B "C1'" 1 
ATOM   394 N N1    . DT  B 1 8  ? -3.668  4.380   1.530   1.00 5.24  ? 20 DT  B N1    1 
ATOM   395 C C2    . DT  B 1 8  ? -3.848  3.201   2.226   1.00 3.00  ? 20 DT  B C2    1 
ATOM   396 O O2    . DT  B 1 8  ? -4.811  2.483   1.997   1.00 10.96 ? 20 DT  B O2    1 
ATOM   397 N N3    . DT  B 1 8  ? -2.915  2.872   3.172   1.00 5.89  ? 20 DT  B N3    1 
ATOM   398 C C4    . DT  B 1 8  ? -1.829  3.648   3.413   1.00 3.04  ? 20 DT  B C4    1 
ATOM   399 O O4    . DT  B 1 8  ? -1.030  3.237   4.303   1.00 10.13 ? 20 DT  B O4    1 
ATOM   400 C C5    . DT  B 1 8  ? -1.665  4.849   2.685   1.00 2.00  ? 20 DT  B C5    1 
ATOM   401 C C7    . DT  B 1 8  ? -0.492  5.744   2.921   1.00 7.38  ? 20 DT  B C7    1 
ATOM   402 C C6    . DT  B 1 8  ? -2.580  5.169   1.746   1.00 5.69  ? 20 DT  B C6    1 
ATOM   403 P P     . DC  B 1 9  ? -8.280  6.580   -0.250  1.00 24.59 ? 21 DC  B P     1 
ATOM   404 O OP1   . DC  B 1 9  ? -9.410  6.645   -1.307  1.00 20.54 ? 21 DC  B OP1   1 
ATOM   405 O OP2   . DC  B 1 9  ? -8.089  7.829   0.504   1.00 29.68 ? 21 DC  B OP2   1 
ATOM   406 O "O5'" . DC  B 1 9  ? -8.528  5.379   0.785   1.00 23.40 ? 21 DC  B "O5'" 1 
ATOM   407 C "C5'" . DC  B 1 9  ? -8.912  4.067   0.275   1.00 13.31 ? 21 DC  B "C5'" 1 
ATOM   408 C "C4'" . DC  B 1 9  ? -9.202  3.382   1.595   1.00 12.78 ? 21 DC  B "C4'" 1 
ATOM   409 O "O4'" . DC  B 1 9  ? -8.030  3.356   2.359   1.00 12.65 ? 21 DC  B "O4'" 1 
ATOM   410 C "C3'" . DC  B 1 9  ? -10.247 4.137   2.375   1.00 14.66 ? 21 DC  B "C3'" 1 
ATOM   411 O "O3'" . DC  B 1 9  ? -11.478 3.423   2.491   1.00 29.96 ? 21 DC  B "O3'" 1 
ATOM   412 C "C2'" . DC  B 1 9  ? -9.586  4.366   3.729   1.00 11.73 ? 21 DC  B "C2'" 1 
ATOM   413 C "C1'" . DC  B 1 9  ? -8.451  3.408   3.740   1.00 8.87  ? 21 DC  B "C1'" 1 
ATOM   414 N N1    . DC  B 1 9  ? -7.168  3.829   4.309   1.00 2.64  ? 21 DC  B N1    1 
ATOM   415 C C2    . DC  B 1 9  ? -6.534  2.999   5.189   1.00 7.95  ? 21 DC  B C2    1 
ATOM   416 O O2    . DC  B 1 9  ? -7.130  1.985   5.565   1.00 13.51 ? 21 DC  B O2    1 
ATOM   417 N N3    . DC  B 1 9  ? -5.300  3.370   5.643   1.00 10.30 ? 21 DC  B N3    1 
ATOM   418 C C4    . DC  B 1 9  ? -4.729  4.549   5.274   1.00 10.89 ? 21 DC  B C4    1 
ATOM   419 N N4    . DC  B 1 9  ? -3.527  4.928   5.731   1.00 8.62  ? 21 DC  B N4    1 
ATOM   420 C C5    . DC  B 1 9  ? -5.401  5.400   4.353   1.00 6.48  ? 21 DC  B C5    1 
ATOM   421 C C6    . DC  B 1 9  ? -6.601  4.989   3.899   1.00 6.17  ? 21 DC  B C6    1 
ATOM   422 P P     . DG  B 1 10 ? -12.662 3.978   3.359   1.00 33.71 ? 22 DG  B P     1 
ATOM   423 O OP1   . DG  B 1 10 ? -14.009 3.547   2.818   1.00 37.37 ? 22 DG  B OP1   1 
ATOM   424 O OP2   . DG  B 1 10 ? -12.498 5.529   3.318   1.00 31.59 ? 22 DG  B OP2   1 
ATOM   425 O "O5'" . DG  B 1 10 ? -12.472 3.495   4.829   1.00 37.66 ? 22 DG  B "O5'" 1 
ATOM   426 C "C5'" . DG  B 1 10 ? -12.448 2.212   5.474   1.00 33.50 ? 22 DG  B "C5'" 1 
ATOM   427 C "C4'" . DG  B 1 10 ? -12.081 2.512   6.923   1.00 26.89 ? 22 DG  B "C4'" 1 
ATOM   428 O "O4'" . DG  B 1 10 ? -10.859 3.217   7.023   1.00 26.50 ? 22 DG  B "O4'" 1 
ATOM   429 C "C3'" . DG  B 1 10 ? -13.015 3.410   7.714   1.00 23.91 ? 22 DG  B "C3'" 1 
ATOM   430 O "O3'" . DG  B 1 10 ? -13.255 2.598   8.851   1.00 27.70 ? 22 DG  B "O3'" 1 
ATOM   431 C "C2'" . DG  B 1 10 ? -12.282 4.710   8.025   1.00 13.36 ? 22 DG  B "C2'" 1 
ATOM   432 C "C1'" . DG  B 1 10 ? -10.902 4.146   8.169   1.00 10.98 ? 22 DG  B "C1'" 1 
ATOM   433 N N9    . DG  B 1 10 ? -9.659  4.902   7.957   1.00 9.04  ? 22 DG  B N9    1 
ATOM   434 C C8    . DG  B 1 10 ? -9.394  6.043   7.251   1.00 6.34  ? 22 DG  B C8    1 
ATOM   435 N N7    . DG  B 1 10 ? -8.121  6.375   7.273   1.00 8.54  ? 22 DG  B N7    1 
ATOM   436 C C5    . DG  B 1 10 ? -7.496  5.384   7.998   1.00 2.00  ? 22 DG  B C5    1 
ATOM   437 C C6    . DG  B 1 10 ? -6.143  5.170   8.340   1.00 5.52  ? 22 DG  B C6    1 
ATOM   438 O O6    . DG  B 1 10 ? -5.180  5.877   8.091   1.00 7.12  ? 22 DG  B O6    1 
ATOM   439 N N1    . DG  B 1 10 ? -5.913  4.036   9.076   1.00 5.71  ? 22 DG  B N1    1 
ATOM   440 C C2    . DG  B 1 10 ? -6.917  3.188   9.439   1.00 2.87  ? 22 DG  B C2    1 
ATOM   441 N N2    . DG  B 1 10 ? -6.595  2.145   10.195  1.00 6.70  ? 22 DG  B N2    1 
ATOM   442 N N3    . DG  B 1 10 ? -8.192  3.365   9.147   1.00 4.50  ? 22 DG  B N3    1 
ATOM   443 C C4    . DG  B 1 10 ? -8.427  4.468   8.414   1.00 2.00  ? 22 DG  B C4    1 
ATOM   444 P P     . DC  B 1 11 ? -14.689 2.613   9.592   1.00 29.93 ? 23 DC  B P     1 
ATOM   445 O OP1   . DC  B 1 11 ? -15.266 1.359   8.775   1.00 31.83 ? 23 DC  B OP1   1 
ATOM   446 O OP2   . DC  B 1 11 ? -15.425 3.798   9.364   1.00 23.34 ? 23 DC  B OP2   1 
ATOM   447 O "O5'" . DC  B 1 11 ? -14.252 2.193   11.024  1.00 24.54 ? 23 DC  B "O5'" 1 
ATOM   448 C "C5'" . DC  B 1 11 ? -13.714 0.849   11.134  1.00 30.53 ? 23 DC  B "C5'" 1 
ATOM   449 C "C4'" . DC  B 1 11 ? -12.550 0.890   12.112  1.00 27.64 ? 23 DC  B "C4'" 1 
ATOM   450 O "O4'" . DC  B 1 11 ? -11.467 1.619   11.620  1.00 31.37 ? 23 DC  B "O4'" 1 
ATOM   451 C "C3'" . DC  B 1 11 ? -12.995 1.472   13.447  1.00 30.07 ? 23 DC  B "C3'" 1 
ATOM   452 O "O3'" . DC  B 1 11 ? -12.912 0.574   14.563  1.00 34.83 ? 23 DC  B "O3'" 1 
ATOM   453 C "C2'" . DC  B 1 11 ? -12.064 2.659   13.644  1.00 29.85 ? 23 DC  B "C2'" 1 
ATOM   454 C "C1'" . DC  B 1 11 ? -10.927 2.361   12.717  1.00 23.59 ? 23 DC  B "C1'" 1 
ATOM   455 N N1    . DC  B 1 11 ? -10.386 3.630   12.206  1.00 18.74 ? 23 DC  B N1    1 
ATOM   456 C C2    . DC  B 1 11 ? -9.056  3.864   12.447  1.00 17.45 ? 23 DC  B C2    1 
ATOM   457 O O2    . DC  B 1 11 ? -8.390  3.047   13.058  1.00 15.82 ? 23 DC  B O2    1 
ATOM   458 N N3    . DC  B 1 11 ? -8.525  5.046   11.995  1.00 19.95 ? 23 DC  B N3    1 
ATOM   459 C C4    . DC  B 1 11 ? -9.290  5.951   11.316  1.00 18.15 ? 23 DC  B C4    1 
ATOM   460 N N4    . DC  B 1 11 ? -8.722  7.067   10.894  1.00 19.39 ? 23 DC  B N4    1 
ATOM   461 C C5    . DC  B 1 11 ? -10.660 5.686   11.061  1.00 19.92 ? 23 DC  B C5    1 
ATOM   462 C C6    . DC  B 1 11 ? -11.155 4.513   11.517  1.00 17.96 ? 23 DC  B C6    1 
ATOM   463 P P     . DG  B 1 12 ? -13.668 1.121   15.924  1.00 34.93 ? 24 DG  B P     1 
ATOM   464 O OP1   . DG  B 1 12 ? -14.439 -0.086  16.417  1.00 39.27 ? 24 DG  B OP1   1 
ATOM   465 O OP2   . DG  B 1 12 ? -14.515 2.288   15.541  1.00 29.49 ? 24 DG  B OP2   1 
ATOM   466 O "O5'" . DG  B 1 12 ? -12.439 1.467   16.843  1.00 29.95 ? 24 DG  B "O5'" 1 
ATOM   467 C "C5'" . DG  B 1 12 ? -11.563 0.399   17.263  1.00 20.27 ? 24 DG  B "C5'" 1 
ATOM   468 C "C4'" . DG  B 1 12 ? -10.337 1.162   17.712  1.00 19.24 ? 24 DG  B "C4'" 1 
ATOM   469 O "O4'" . DG  B 1 12 ? -9.729  1.862   16.649  1.00 20.25 ? 24 DG  B "O4'" 1 
ATOM   470 C "C3'" . DG  B 1 12 ? -10.653 2.187   18.801  1.00 9.58  ? 24 DG  B "C3'" 1 
ATOM   471 O "O3'" . DG  B 1 12 ? -10.729 1.636   20.105  1.00 12.85 ? 24 DG  B "O3'" 1 
ATOM   472 C "C2'" . DG  B 1 12 ? -9.455  3.088   18.682  1.00 12.07 ? 24 DG  B "C2'" 1 
ATOM   473 C "C1'" . DG  B 1 12 ? -9.085  3.030   17.212  1.00 9.21  ? 24 DG  B "C1'" 1 
ATOM   474 N N9    . DG  B 1 12 ? -9.528  4.254   16.521  1.00 8.19  ? 24 DG  B N9    1 
ATOM   475 C C8    . DG  B 1 12 ? -10.801 4.518   16.075  1.00 7.30  ? 24 DG  B C8    1 
ATOM   476 N N7    . DG  B 1 12 ? -10.907 5.683   15.487  1.00 5.31  ? 24 DG  B N7    1 
ATOM   477 C C5    . DG  B 1 12 ? -9.609  6.164   15.465  1.00 3.57  ? 24 DG  B C5    1 
ATOM   478 C C6    . DG  B 1 12 ? -9.074  7.370   14.941  1.00 6.17  ? 24 DG  B C6    1 
ATOM   479 O O6    . DG  B 1 12 ? -9.668  8.246   14.327  1.00 9.23  ? 24 DG  B O6    1 
ATOM   480 N N1    . DG  B 1 12 ? -7.738  7.543   15.186  1.00 2.69  ? 24 DG  B N1    1 
ATOM   481 C C2    . DG  B 1 12 ? -6.982  6.594   15.791  1.00 2.00  ? 24 DG  B C2    1 
ATOM   482 N N2    . DG  B 1 12 ? -5.712  6.959   15.921  1.00 2.00  ? 24 DG  B N2    1 
ATOM   483 N N3    . DG  B 1 12 ? -7.427  5.442   16.264  1.00 4.80  ? 24 DG  B N3    1 
ATOM   484 C C4    . DG  B 1 12 ? -8.755  5.299   16.090  1.00 3.39  ? 24 DG  B C4    1 
HETATM 485 O O     . HOH C 2 .  ? -4.524  10.721  7.825   1.00 36.68 ? 25 HOH A O     1 
HETATM 486 O O     . HOH C 2 .  ? 15.594  -0.397  -13.546 1.00 17.49 ? 28 HOH A O     1 
HETATM 487 O O     . HOH C 2 .  ? -3.434  9.799   9.701   1.00 16.95 ? 30 HOH A O     1 
HETATM 488 O O     . HOH C 2 .  ? -6.022  -6.794  -0.904  1.00 29.76 ? 33 HOH A O     1 
HETATM 489 O O     . HOH C 2 .  ? -6.069  -6.235  -3.685  1.00 34.79 ? 37 HOH A O     1 
HETATM 490 O O     . HOH C 2 .  ? 2.717   13.261  4.911   1.00 27.87 ? 41 HOH A O     1 
HETATM 491 O O     . HOH C 2 .  ? 0.900   9.393   10.403  1.00 45.28 ? 43 HOH A O     1 
HETATM 492 O O     . HOH C 2 .  ? -3.683  -8.126  -4.808  1.00 19.57 ? 44 HOH A O     1 
HETATM 493 O O     . HOH C 2 .  ? 1.559   8.176   -9.815  1.00 43.98 ? 45 HOH A O     1 
HETATM 494 O O     . HOH C 2 .  ? 3.415   -1.381  8.747   1.00 34.79 ? 46 HOH A O     1 
HETATM 495 O O     . HOH C 2 .  ? 19.777  -3.415  -10.965 1.00 54.16 ? 48 HOH A O     1 
HETATM 496 O O     . HOH C 2 .  ? 1.101   -6.014  -13.215 1.00 34.79 ? 49 HOH A O     1 
HETATM 497 O O     . HOH C 2 .  ? 3.002   4.366   10.396  1.00 35.49 ? 53 HOH A O     1 
HETATM 498 O O     . HOH C 2 .  ? -3.903  -9.892  14.320  1.00 44.19 ? 54 HOH A O     1 
HETATM 499 O O     . HOH C 2 .  ? -2.505  -9.052  -2.901  1.00 25.71 ? 56 HOH A O     1 
HETATM 500 O O     . HOH C 2 .  ? 8.456   1.070   -16.483 1.00 36.72 ? 57 HOH A O     1 
HETATM 501 O O     . HOH C 2 .  ? 5.003   6.686   -7.898  1.00 46.86 ? 58 HOH A O     1 
HETATM 502 O O     . HOH C 2 .  ? -6.997  16.936  22.487  1.00 37.37 ? 61 HOH A O     1 
HETATM 503 O O     . HOH C 2 .  ? -3.172  0.350   -14.215 1.00 42.28 ? 62 HOH A O     1 
HETATM 504 O O     . HOH C 2 .  ? 9.014   5.295   -10.783 1.00 43.15 ? 64 HOH A O     1 
HETATM 505 O O     . HOH C 2 .  ? 6.176   14.377  7.235   1.00 32.76 ? 65 HOH A O     1 
HETATM 506 O O     . HOH C 2 .  ? 16.103  1.683   -15.229 1.00 35.26 ? 66 HOH A O     1 
HETATM 507 O O     . HOH C 2 .  ? 7.514   0.531   -7.814  1.00 29.59 ? 67 HOH A O     1 
HETATM 508 O O     . HOH D 2 .  ? -3.061  8.017   5.870   1.00 6.97  ? 26 HOH B O     1 
HETATM 509 O O     . HOH D 2 .  ? -13.485 6.853   0.083   1.00 34.79 ? 27 HOH B O     1 
HETATM 510 O O     . HOH D 2 .  ? -1.613  9.219   0.631   1.00 38.62 ? 29 HOH B O     1 
HETATM 511 O O     . HOH D 2 .  ? 4.480   -17.641 -8.775  1.00 41.38 ? 31 HOH B O     1 
HETATM 512 O O     . HOH D 2 .  ? 2.994   -10.661 -4.994  1.00 35.20 ? 32 HOH B O     1 
HETATM 513 O O     . HOH D 2 .  ? -16.503 2.964   4.074   1.00 34.72 ? 34 HOH B O     1 
HETATM 514 O O     . HOH D 2 .  ? 13.300  -2.033  1.663   1.00 20.34 ? 35 HOH B O     1 
HETATM 515 O O     . HOH D 2 .  ? 1.854   10.396  -1.011  1.00 28.86 ? 36 HOH B O     1 
HETATM 516 O O     . HOH D 2 .  ? -3.311  2.421   -2.517  1.00 34.79 ? 38 HOH B O     1 
HETATM 517 O O     . HOH D 2 .  ? 0.457   4.267   6.737   1.00 34.79 ? 39 HOH B O     1 
HETATM 518 O O     . HOH D 2 .  ? 12.191  2.847   8.828   1.00 39.26 ? 40 HOH B O     1 
HETATM 519 O O     . HOH D 2 .  ? -7.524  0.551   1.120   1.00 23.23 ? 42 HOH B O     1 
HETATM 520 O O     . HOH D 2 .  ? 8.236   -7.391  3.283   1.00 34.79 ? 47 HOH B O     1 
HETATM 521 O O     . HOH D 2 .  ? 7.854   7.802   -2.690  1.00 41.22 ? 50 HOH B O     1 
HETATM 522 O O     . HOH D 2 .  ? 5.591   11.451  -4.795  1.00 20.17 ? 51 HOH B O     1 
HETATM 523 O O     . HOH D 2 .  ? 1.177   -11.071 -6.529  1.00 35.29 ? 52 HOH B O     1 
HETATM 524 O O     . HOH D 2 .  ? 6.438   2.358   3.469   1.00 44.12 ? 55 HOH B O     1 
HETATM 525 O O     . HOH D 2 .  ? -2.768  8.397   -8.701  1.00 34.79 ? 59 HOH B O     1 
HETATM 526 O O     . HOH D 2 .  ? -8.793  9.831   9.142   1.00 34.79 ? 60 HOH B O     1 
HETATM 527 O O     . HOH D 2 .  ? 11.019  -7.899  1.667   1.00 34.79 ? 63 HOH B O     1 
HETATM 528 O O     . HOH D 2 .  ? -1.973  9.159   -5.434  1.00 34.79 ? 68 HOH B O     1 
# 
